data_1EV4
#
_entry.id   1EV4
#
_cell.length_a   84.6
_cell.length_b   275.2
_cell.length_c   70.3
_cell.angle_alpha   90.00
_cell.angle_beta   90.00
_cell.angle_gamma   90.00
#
_symmetry.space_group_name_H-M   'C 2 2 21'
#
loop_
_entity.id
_entity.type
_entity.pdbx_description
1 polymer 'GLUTATHIONE S-TRANSFERASE A1-1'
2 non-polymer 'SULFATE ION'
3 non-polymer 'GLUTATHIONE SULFONIC ACID'
4 water water
#
_entity_poly.entity_id   1
_entity_poly.type   'polypeptide(L)'
_entity_poly.pdbx_seq_one_letter_code
;SGKPVLHYFNARGRMECIRFLLAAAGVEFDEKFIQSPEDLEKLKKDGNLMFDQVPMVEIDGMKLAQTRAILNYIATKYDL
YGKDMKERALIDMYSEGILDLTEMIMQLVICPPDQKEAKTALAKDRTKNRYLPAFEKVLKSHGQDYLVGNKLTRVDIHLL
ELLLYVEEFDASLLTSFPLLKAFKSRISSLPNVKKFLQPGSQRKLPMDAKQIEEARKIYKF
;
_entity_poly.pdbx_strand_id   A,C,D
#
# COMPACT_ATOMS: atom_id res chain seq x y z
N SER A 1 -10.83 2.95 -55.90
CA SER A 1 -10.32 2.28 -54.68
C SER A 1 -11.38 2.05 -53.60
N GLY A 2 -11.99 3.12 -53.11
CA GLY A 2 -12.99 2.98 -52.08
C GLY A 2 -12.32 3.03 -50.72
N LYS A 3 -12.45 4.17 -50.06
CA LYS A 3 -11.85 4.36 -48.79
C LYS A 3 -12.69 3.75 -47.67
N PRO A 4 -12.14 2.79 -46.93
CA PRO A 4 -12.82 2.10 -45.81
C PRO A 4 -13.40 3.09 -44.80
N VAL A 5 -14.55 2.74 -44.22
CA VAL A 5 -15.21 3.59 -43.23
C VAL A 5 -15.18 2.85 -41.88
N LEU A 6 -14.58 3.49 -40.88
CA LEU A 6 -14.48 2.91 -39.56
C LEU A 6 -15.46 3.58 -38.59
N HIS A 7 -16.32 2.78 -37.99
CA HIS A 7 -17.29 3.27 -37.05
C HIS A 7 -16.83 2.97 -35.64
N TYR A 8 -16.60 4.01 -34.84
CA TYR A 8 -16.17 3.84 -33.45
C TYR A 8 -16.16 5.17 -32.69
N PHE A 9 -15.83 5.09 -31.40
CA PHE A 9 -15.74 6.23 -30.54
C PHE A 9 -14.52 7.04 -30.86
N ASN A 10 -14.56 8.31 -30.48
CA ASN A 10 -13.45 9.16 -30.70
C ASN A 10 -12.48 8.78 -29.60
N ALA A 11 -11.92 7.58 -29.72
CA ALA A 11 -11.02 7.04 -28.76
C ALA A 11 -10.31 5.84 -29.35
N ARG A 12 -9.26 5.40 -28.67
CA ARG A 12 -8.47 4.24 -29.08
C ARG A 12 -9.33 3.00 -29.01
N GLY A 13 -9.64 2.59 -27.78
CA GLY A 13 -10.47 1.42 -27.60
C GLY A 13 -9.97 0.26 -28.43
N ARG A 14 -10.90 -0.45 -29.04
CA ARG A 14 -10.58 -1.58 -29.85
C ARG A 14 -10.26 -1.21 -31.30
N MET A 15 -10.62 0.02 -31.70
CA MET A 15 -10.40 0.46 -33.06
C MET A 15 -8.98 0.89 -33.36
N GLU A 16 -8.25 1.30 -32.32
CA GLU A 16 -6.88 1.77 -32.51
C GLU A 16 -5.95 0.80 -33.22
N CYS A 17 -5.99 -0.48 -32.86
CA CYS A 17 -5.14 -1.44 -33.51
C CYS A 17 -5.45 -1.47 -35.02
N ILE A 18 -6.72 -1.36 -35.36
CA ILE A 18 -7.13 -1.37 -36.75
C ILE A 18 -6.63 -0.11 -37.47
N ARG A 19 -6.72 1.02 -36.79
CA ARG A 19 -6.25 2.26 -37.39
C ARG A 19 -4.76 2.10 -37.72
N PHE A 20 -3.99 1.58 -36.77
CA PHE A 20 -2.57 1.37 -36.93
C PHE A 20 -2.23 0.47 -38.11
N LEU A 21 -2.94 -0.64 -38.22
CA LEU A 21 -2.67 -1.55 -39.28
C LEU A 21 -2.92 -0.94 -40.64
N LEU A 22 -4.06 -0.27 -40.78
CA LEU A 22 -4.40 0.36 -42.03
C LEU A 22 -3.36 1.39 -42.42
N ALA A 23 -3.00 2.24 -41.47
CA ALA A 23 -2.01 3.26 -41.72
C ALA A 23 -0.70 2.61 -42.14
N ALA A 24 -0.34 1.53 -41.45
CA ALA A 24 0.88 0.81 -41.76
C ALA A 24 0.86 0.33 -43.22
N ALA A 25 -0.30 -0.12 -43.68
CA ALA A 25 -0.45 -0.59 -45.04
C ALA A 25 -0.58 0.55 -46.04
N GLY A 26 -0.55 1.78 -45.55
CA GLY A 26 -0.66 2.94 -46.41
C GLY A 26 -2.06 3.11 -46.99
N VAL A 27 -3.06 2.56 -46.31
CA VAL A 27 -4.44 2.67 -46.78
C VAL A 27 -5.17 3.80 -46.06
N GLU A 28 -5.56 4.83 -46.80
CA GLU A 28 -6.26 5.96 -46.20
C GLU A 28 -7.69 5.54 -45.86
N PHE A 29 -8.16 5.94 -44.67
CA PHE A 29 -9.49 5.59 -44.24
C PHE A 29 -10.26 6.79 -43.72
N ASP A 30 -11.58 6.64 -43.72
CA ASP A 30 -12.51 7.66 -43.26
C ASP A 30 -13.12 7.10 -41.98
N GLU A 31 -13.37 7.96 -41.00
CA GLU A 31 -13.96 7.52 -39.76
C GLU A 31 -15.28 8.20 -39.50
N LYS A 32 -16.20 7.48 -38.86
CA LYS A 32 -17.49 8.01 -38.50
C LYS A 32 -17.55 7.85 -36.99
N PHE A 33 -17.18 8.90 -36.28
CA PHE A 33 -17.18 8.88 -34.86
C PHE A 33 -18.54 9.07 -34.22
N ILE A 34 -18.84 8.18 -33.28
CA ILE A 34 -20.07 8.24 -32.53
C ILE A 34 -19.80 9.18 -31.35
N GLN A 35 -20.40 10.35 -31.39
CA GLN A 35 -20.19 11.30 -30.34
C GLN A 35 -21.18 11.18 -29.18
N SER A 36 -22.40 10.75 -29.49
CA SER A 36 -23.44 10.63 -28.46
C SER A 36 -24.17 9.30 -28.54
N PRO A 37 -24.95 8.96 -27.51
CA PRO A 37 -25.70 7.74 -27.48
C PRO A 37 -26.68 7.69 -28.63
N GLU A 38 -27.19 8.87 -29.01
CA GLU A 38 -28.13 8.97 -30.09
C GLU A 38 -27.47 8.46 -31.36
N ASP A 39 -26.22 8.84 -31.55
CA ASP A 39 -25.45 8.42 -32.71
C ASP A 39 -25.31 6.91 -32.72
N LEU A 40 -24.98 6.34 -31.56
CA LEU A 40 -24.82 4.89 -31.41
C LEU A 40 -26.14 4.19 -31.69
N GLU A 41 -27.23 4.78 -31.20
CA GLU A 41 -28.53 4.23 -31.39
C GLU A 41 -28.87 4.29 -32.88
N LYS A 42 -28.51 5.38 -33.54
CA LYS A 42 -28.78 5.52 -34.97
C LYS A 42 -28.04 4.41 -35.70
N LEU A 43 -26.77 4.22 -35.34
CA LEU A 43 -25.95 3.19 -35.92
C LEU A 43 -26.62 1.83 -35.83
N LYS A 44 -27.02 1.45 -34.62
CA LYS A 44 -27.66 0.19 -34.42
C LYS A 44 -28.97 0.12 -35.20
N LYS A 45 -29.78 1.17 -35.06
CA LYS A 45 -31.06 1.23 -35.75
C LYS A 45 -30.94 1.10 -37.26
N ASP A 46 -29.75 1.39 -37.79
CA ASP A 46 -29.51 1.29 -39.22
C ASP A 46 -29.30 -0.16 -39.68
N GLY A 47 -29.25 -1.08 -38.72
CA GLY A 47 -29.09 -2.49 -39.01
C GLY A 47 -27.82 -2.93 -39.71
N ASN A 48 -26.72 -2.24 -39.47
CA ASN A 48 -25.47 -2.62 -40.10
C ASN A 48 -24.45 -3.15 -39.10
N LEU A 49 -24.84 -3.26 -37.85
CA LEU A 49 -23.96 -3.79 -36.81
C LEU A 49 -24.48 -5.20 -36.46
N MET A 50 -23.81 -6.22 -36.97
CA MET A 50 -24.23 -7.61 -36.74
C MET A 50 -24.65 -7.95 -35.32
N PHE A 51 -23.84 -7.53 -34.35
CA PHE A 51 -24.14 -7.79 -32.93
C PHE A 51 -24.42 -6.49 -32.19
N ASP A 52 -24.89 -5.49 -32.93
CA ASP A 52 -25.19 -4.18 -32.38
C ASP A 52 -24.00 -3.59 -31.64
N GLN A 53 -22.81 -3.78 -32.19
CA GLN A 53 -21.59 -3.28 -31.57
C GLN A 53 -20.58 -2.79 -32.59
N VAL A 54 -19.60 -2.03 -32.11
CA VAL A 54 -18.54 -1.54 -32.93
C VAL A 54 -17.27 -2.00 -32.19
N PRO A 55 -16.10 -2.07 -32.82
CA PRO A 55 -15.75 -1.74 -34.18
C PRO A 55 -16.61 -2.35 -35.26
N MET A 56 -16.72 -1.60 -36.35
CA MET A 56 -17.44 -2.01 -37.51
C MET A 56 -16.78 -1.21 -38.62
N VAL A 57 -16.38 -1.90 -39.68
CA VAL A 57 -15.73 -1.28 -40.79
C VAL A 57 -16.42 -1.68 -42.08
N GLU A 58 -16.74 -0.69 -42.90
CA GLU A 58 -17.34 -0.92 -44.17
C GLU A 58 -16.19 -1.03 -45.15
N ILE A 59 -16.07 -2.18 -45.80
CA ILE A 59 -15.00 -2.39 -46.74
C ILE A 59 -15.38 -3.51 -47.70
N ASP A 60 -15.03 -3.33 -48.97
CA ASP A 60 -15.32 -4.29 -49.98
C ASP A 60 -16.78 -4.73 -49.94
N GLY A 61 -17.68 -3.75 -49.83
CA GLY A 61 -19.09 -4.04 -49.81
C GLY A 61 -19.61 -4.76 -48.57
N MET A 62 -18.73 -5.01 -47.60
CA MET A 62 -19.12 -5.68 -46.35
C MET A 62 -19.21 -4.70 -45.18
N LYS A 63 -20.07 -5.02 -44.21
CA LYS A 63 -20.25 -4.23 -42.99
C LYS A 63 -19.65 -5.14 -41.94
N LEU A 64 -18.33 -5.25 -41.96
CA LEU A 64 -17.57 -6.11 -41.06
C LEU A 64 -17.36 -5.61 -39.64
N ALA A 65 -17.89 -6.37 -38.69
CA ALA A 65 -17.72 -6.05 -37.32
C ALA A 65 -16.78 -7.07 -36.71
N GLN A 66 -16.44 -6.87 -35.44
CA GLN A 66 -15.56 -7.74 -34.73
C GLN A 66 -14.10 -7.45 -35.05
N THR A 67 -13.45 -6.77 -34.10
CA THR A 67 -12.06 -6.39 -34.18
C THR A 67 -11.17 -7.38 -34.93
N ARG A 68 -11.05 -8.58 -34.38
CA ARG A 68 -10.21 -9.59 -34.96
C ARG A 68 -10.61 -9.95 -36.37
N ALA A 69 -11.91 -9.97 -36.64
CA ALA A 69 -12.39 -10.27 -37.96
C ALA A 69 -11.90 -9.19 -38.91
N ILE A 70 -12.01 -7.94 -38.47
CA ILE A 70 -11.58 -6.80 -39.25
C ILE A 70 -10.07 -6.83 -39.50
N LEU A 71 -9.30 -6.96 -38.42
CA LEU A 71 -7.86 -7.01 -38.52
C LEU A 71 -7.45 -8.14 -39.46
N ASN A 72 -8.10 -9.29 -39.29
CA ASN A 72 -7.82 -10.42 -40.08
C ASN A 72 -8.01 -10.17 -41.56
N TYR A 73 -9.09 -9.52 -41.93
CA TYR A 73 -9.36 -9.24 -43.32
C TYR A 73 -8.32 -8.29 -43.89
N ILE A 74 -8.05 -7.21 -43.18
CA ILE A 74 -7.10 -6.22 -43.64
C ILE A 74 -5.70 -6.81 -43.82
N ALA A 75 -5.30 -7.66 -42.87
CA ALA A 75 -3.98 -8.28 -42.91
C ALA A 75 -3.78 -9.11 -44.17
N THR A 76 -4.73 -9.98 -44.48
CA THR A 76 -4.64 -10.79 -45.65
C THR A 76 -4.67 -9.93 -46.93
N LYS A 77 -5.62 -9.00 -46.97
CA LYS A 77 -5.80 -8.14 -48.12
C LYS A 77 -4.57 -7.37 -48.53
N TYR A 78 -3.87 -6.79 -47.55
CA TYR A 78 -2.70 -6.04 -47.87
C TYR A 78 -1.40 -6.84 -47.81
N ASP A 79 -1.50 -8.14 -47.52
CA ASP A 79 -0.33 -9.02 -47.44
C ASP A 79 0.52 -8.78 -46.21
N LEU A 80 -0.12 -8.44 -45.10
CA LEU A 80 0.58 -8.24 -43.84
C LEU A 80 0.30 -9.44 -42.95
N TYR A 81 0.01 -10.57 -43.57
CA TYR A 81 -0.30 -11.75 -42.84
C TYR A 81 0.64 -12.92 -43.04
N GLY A 82 1.91 -12.63 -43.32
CA GLY A 82 2.87 -13.70 -43.51
C GLY A 82 2.72 -14.38 -44.86
N LYS A 83 3.40 -15.52 -44.98
CA LYS A 83 3.40 -16.26 -46.22
C LYS A 83 2.75 -17.65 -46.16
N ASP A 84 2.43 -18.13 -44.96
CA ASP A 84 1.82 -19.45 -44.83
C ASP A 84 1.27 -19.77 -43.44
N MET A 85 0.75 -20.99 -43.35
CA MET A 85 0.14 -21.55 -42.16
C MET A 85 0.95 -21.45 -40.86
N LYS A 86 2.18 -21.94 -40.87
CA LYS A 86 3.01 -21.92 -39.68
C LYS A 86 3.38 -20.51 -39.30
N GLU A 87 3.63 -19.67 -40.29
CA GLU A 87 3.96 -18.30 -40.02
C GLU A 87 2.75 -17.65 -39.34
N ARG A 88 1.56 -17.91 -39.87
CA ARG A 88 0.37 -17.36 -39.32
C ARG A 88 0.13 -17.84 -37.88
N ALA A 89 0.54 -19.06 -37.57
CA ALA A 89 0.36 -19.59 -36.23
C ALA A 89 1.17 -18.74 -35.26
N LEU A 90 2.41 -18.44 -35.63
CA LEU A 90 3.27 -17.63 -34.80
C LEU A 90 2.67 -16.22 -34.70
N ILE A 91 2.25 -15.68 -35.85
CA ILE A 91 1.67 -14.37 -35.91
C ILE A 91 0.45 -14.28 -35.00
N ASP A 92 -0.39 -15.30 -35.04
CA ASP A 92 -1.56 -15.33 -34.24
C ASP A 92 -1.22 -15.43 -32.76
N MET A 93 -0.32 -16.34 -32.41
CA MET A 93 0.04 -16.50 -31.04
C MET A 93 0.58 -15.20 -30.43
N TYR A 94 1.50 -14.57 -31.13
CA TYR A 94 2.10 -13.34 -30.68
C TYR A 94 1.05 -12.22 -30.55
N SER A 95 0.24 -12.06 -31.60
CA SER A 95 -0.81 -11.05 -31.61
C SER A 95 -1.77 -11.15 -30.42
N GLU A 96 -2.22 -12.36 -30.13
CA GLU A 96 -3.13 -12.58 -29.02
C GLU A 96 -2.51 -12.15 -27.69
N GLY A 97 -1.23 -12.47 -27.51
CA GLY A 97 -0.56 -12.09 -26.29
C GLY A 97 -0.53 -10.57 -26.20
N ILE A 98 -0.27 -9.94 -27.34
CA ILE A 98 -0.22 -8.46 -27.40
C ILE A 98 -1.56 -7.87 -26.96
N LEU A 99 -2.64 -8.42 -27.50
CA LEU A 99 -3.97 -7.95 -27.17
C LEU A 99 -4.24 -8.07 -25.68
N ASP A 100 -3.91 -9.24 -25.12
CA ASP A 100 -4.14 -9.48 -23.71
C ASP A 100 -3.47 -8.43 -22.84
N LEU A 101 -2.18 -8.20 -23.05
CA LEU A 101 -1.49 -7.21 -22.25
C LEU A 101 -2.13 -5.84 -22.46
N THR A 102 -2.57 -5.57 -23.69
CA THR A 102 -3.18 -4.31 -24.00
C THR A 102 -4.40 -4.08 -23.10
N GLU A 103 -5.32 -5.03 -23.09
CA GLU A 103 -6.49 -4.91 -22.28
C GLU A 103 -6.12 -4.75 -20.82
N MET A 104 -5.11 -5.49 -20.39
CA MET A 104 -4.68 -5.43 -19.04
C MET A 104 -4.32 -4.00 -18.67
N ILE A 105 -3.62 -3.33 -19.57
CA ILE A 105 -3.23 -1.97 -19.32
C ILE A 105 -4.46 -1.08 -19.31
N MET A 106 -5.40 -1.33 -20.21
CA MET A 106 -6.61 -0.53 -20.27
C MET A 106 -7.33 -0.60 -18.94
N GLN A 107 -7.54 -1.81 -18.45
CA GLN A 107 -8.23 -2.04 -17.20
C GLN A 107 -7.72 -1.11 -16.11
N LEU A 108 -6.43 -0.82 -16.14
CA LEU A 108 -5.83 0.04 -15.17
C LEU A 108 -6.55 1.38 -15.07
N VAL A 109 -6.85 1.97 -16.22
CA VAL A 109 -7.54 3.26 -16.23
C VAL A 109 -9.06 3.10 -16.20
N ILE A 110 -9.53 2.07 -15.49
CA ILE A 110 -10.95 1.80 -15.38
C ILE A 110 -11.30 1.19 -14.01
N CYS A 111 -10.37 0.38 -13.48
CA CYS A 111 -10.57 -0.29 -12.18
C CYS A 111 -10.94 0.64 -11.03
N PRO A 112 -11.78 0.16 -10.09
CA PRO A 112 -12.25 0.91 -8.90
C PRO A 112 -11.11 1.40 -8.01
N PRO A 113 -10.69 2.67 -8.18
CA PRO A 113 -9.59 3.40 -7.47
C PRO A 113 -8.95 2.76 -6.24
N ASP A 114 -9.77 2.41 -5.25
CA ASP A 114 -9.25 1.80 -4.03
C ASP A 114 -8.38 0.56 -4.28
N GLN A 115 -8.50 -0.01 -5.48
CA GLN A 115 -7.75 -1.21 -5.87
C GLN A 115 -6.63 -0.98 -6.89
N LYS A 116 -6.43 0.26 -7.32
CA LYS A 116 -5.42 0.54 -8.34
C LYS A 116 -3.98 0.10 -8.06
N GLU A 117 -3.41 0.51 -6.95
CA GLU A 117 -2.01 0.13 -6.60
C GLU A 117 -1.67 -1.31 -6.96
N ALA A 118 -2.47 -2.23 -6.43
CA ALA A 118 -2.25 -3.66 -6.64
C ALA A 118 -2.32 -4.07 -8.11
N LYS A 119 -3.35 -3.61 -8.82
CA LYS A 119 -3.52 -3.93 -10.20
C LYS A 119 -2.32 -3.41 -11.00
N THR A 120 -1.91 -2.18 -10.74
CA THR A 120 -0.78 -1.60 -11.42
C THR A 120 0.44 -2.50 -11.22
N ALA A 121 0.65 -2.91 -9.97
CA ALA A 121 1.77 -3.77 -9.63
C ALA A 121 1.75 -5.07 -10.44
N LEU A 122 0.57 -5.67 -10.57
CA LEU A 122 0.43 -6.92 -11.32
C LEU A 122 0.73 -6.73 -12.81
N ALA A 123 0.17 -5.66 -13.36
CA ALA A 123 0.35 -5.35 -14.76
C ALA A 123 1.82 -5.09 -15.08
N LYS A 124 2.52 -4.45 -14.15
CA LYS A 124 3.94 -4.18 -14.34
C LYS A 124 4.74 -5.48 -14.29
N ASP A 125 4.42 -6.31 -13.31
CA ASP A 125 5.08 -7.58 -13.15
C ASP A 125 4.91 -8.37 -14.44
N ARG A 126 3.66 -8.54 -14.84
CA ARG A 126 3.35 -9.27 -16.04
C ARG A 126 4.06 -8.66 -17.24
N THR A 127 4.05 -7.34 -17.33
CA THR A 127 4.70 -6.68 -18.44
C THR A 127 6.16 -7.06 -18.58
N LYS A 128 6.91 -6.93 -17.49
CA LYS A 128 8.33 -7.21 -17.53
C LYS A 128 8.76 -8.63 -17.26
N ASN A 129 7.90 -9.44 -16.67
CA ASN A 129 8.26 -10.81 -16.36
C ASN A 129 7.62 -11.85 -17.26
N ARG A 130 6.56 -11.47 -17.96
CA ARG A 130 5.88 -12.39 -18.83
C ARG A 130 5.86 -11.99 -20.30
N TYR A 131 5.40 -10.78 -20.60
CA TYR A 131 5.31 -10.34 -21.98
C TYR A 131 6.58 -9.91 -22.70
N LEU A 132 7.21 -8.83 -22.23
CA LEU A 132 8.42 -8.35 -22.86
C LEU A 132 9.48 -9.44 -23.05
N PRO A 133 9.76 -10.27 -22.03
CA PRO A 133 10.76 -11.33 -22.18
C PRO A 133 10.43 -12.25 -23.35
N ALA A 134 9.14 -12.47 -23.56
CA ALA A 134 8.69 -13.33 -24.62
C ALA A 134 9.01 -12.78 -26.01
N PHE A 135 8.71 -11.51 -26.23
CA PHE A 135 8.98 -10.92 -27.51
C PHE A 135 10.47 -10.76 -27.70
N GLU A 136 11.16 -10.43 -26.62
CA GLU A 136 12.58 -10.26 -26.68
C GLU A 136 13.17 -11.61 -27.08
N LYS A 137 12.58 -12.69 -26.57
CA LYS A 137 13.02 -14.04 -26.88
C LYS A 137 12.94 -14.27 -28.38
N VAL A 138 11.78 -13.98 -28.95
CA VAL A 138 11.56 -14.15 -30.37
C VAL A 138 12.62 -13.41 -31.16
N LEU A 139 12.79 -12.13 -30.85
CA LEU A 139 13.77 -11.33 -31.53
C LEU A 139 15.16 -11.92 -31.38
N LYS A 140 15.46 -12.42 -30.20
CA LYS A 140 16.76 -12.97 -29.95
C LYS A 140 17.02 -14.29 -30.70
N SER A 141 16.01 -15.13 -30.79
CA SER A 141 16.15 -16.41 -31.43
C SER A 141 16.58 -16.33 -32.90
N HIS A 142 16.27 -15.23 -33.58
CA HIS A 142 16.64 -15.13 -34.99
C HIS A 142 17.46 -13.92 -35.42
N GLY A 143 17.60 -12.93 -34.55
CA GLY A 143 18.38 -11.75 -34.90
C GLY A 143 17.90 -10.92 -36.07
N GLN A 144 16.77 -11.30 -36.66
CA GLN A 144 16.22 -10.57 -37.77
C GLN A 144 15.42 -9.32 -37.36
N ASP A 145 15.21 -8.43 -38.32
CA ASP A 145 14.49 -7.20 -38.08
C ASP A 145 13.01 -7.34 -37.82
N TYR A 146 12.38 -8.37 -38.37
CA TYR A 146 10.96 -8.57 -38.16
C TYR A 146 10.69 -9.76 -37.26
N LEU A 147 9.54 -9.76 -36.61
CA LEU A 147 9.18 -10.83 -35.72
C LEU A 147 9.04 -12.17 -36.43
N VAL A 148 8.28 -12.17 -37.52
CA VAL A 148 8.03 -13.37 -38.24
C VAL A 148 8.32 -13.27 -39.72
N GLY A 149 8.92 -14.33 -40.25
CA GLY A 149 9.24 -14.44 -41.65
C GLY A 149 10.19 -13.43 -42.25
N ASN A 150 10.93 -12.73 -41.40
CA ASN A 150 11.88 -11.73 -41.86
C ASN A 150 11.26 -10.79 -42.89
N LYS A 151 10.03 -10.35 -42.62
CA LYS A 151 9.33 -9.44 -43.48
C LYS A 151 8.24 -8.83 -42.63
N LEU A 152 7.88 -7.59 -42.95
CA LEU A 152 6.88 -6.89 -42.22
C LEU A 152 5.53 -7.61 -42.23
N THR A 153 4.96 -7.79 -41.05
CA THR A 153 3.67 -8.43 -40.89
C THR A 153 2.90 -7.60 -39.87
N ARG A 154 1.62 -7.89 -39.71
CA ARG A 154 0.77 -7.19 -38.77
C ARG A 154 1.28 -7.17 -37.34
N VAL A 155 1.89 -8.27 -36.89
CA VAL A 155 2.37 -8.31 -35.52
C VAL A 155 3.44 -7.27 -35.24
N ASP A 156 4.28 -6.98 -36.23
CA ASP A 156 5.29 -5.97 -36.02
C ASP A 156 4.60 -4.68 -35.64
N ILE A 157 3.49 -4.39 -36.31
CA ILE A 157 2.74 -3.21 -36.06
C ILE A 157 2.08 -3.32 -34.71
N HIS A 158 1.54 -4.49 -34.43
CA HIS A 158 0.89 -4.71 -33.19
C HIS A 158 1.87 -4.54 -32.03
N LEU A 159 3.08 -5.08 -32.18
CA LEU A 159 4.08 -5.01 -31.15
C LEU A 159 4.46 -3.56 -30.92
N LEU A 160 4.61 -2.80 -32.01
CA LEU A 160 4.95 -1.42 -31.89
C LEU A 160 3.91 -0.68 -31.02
N GLU A 161 2.64 -0.77 -31.42
CA GLU A 161 1.58 -0.10 -30.68
C GLU A 161 1.65 -0.37 -29.17
N LEU A 162 1.79 -1.64 -28.81
CA LEU A 162 1.87 -2.03 -27.42
C LEU A 162 3.06 -1.37 -26.73
N LEU A 163 4.22 -1.42 -27.37
CA LEU A 163 5.42 -0.83 -26.79
C LEU A 163 5.23 0.66 -26.52
N LEU A 164 4.49 1.32 -27.41
CA LEU A 164 4.23 2.74 -27.24
C LEU A 164 3.35 2.93 -26.02
N TYR A 165 2.42 2.01 -25.80
CA TYR A 165 1.53 2.10 -24.65
C TYR A 165 2.32 1.80 -23.38
N VAL A 166 3.25 0.86 -23.47
CA VAL A 166 4.07 0.52 -22.33
C VAL A 166 4.93 1.74 -21.99
N GLU A 167 5.45 2.41 -23.03
CA GLU A 167 6.28 3.59 -22.85
C GLU A 167 5.50 4.71 -22.15
N GLU A 168 4.21 4.83 -22.47
CA GLU A 168 3.36 5.84 -21.84
C GLU A 168 3.08 5.44 -20.39
N PHE A 169 2.91 4.15 -20.17
CA PHE A 169 2.65 3.62 -18.86
C PHE A 169 3.86 3.85 -17.97
N ASP A 170 4.97 3.23 -18.32
CA ASP A 170 6.22 3.36 -17.57
C ASP A 170 7.39 2.99 -18.49
N ALA A 171 8.09 4.00 -18.98
CA ALA A 171 9.22 3.81 -19.89
C ALA A 171 10.43 3.04 -19.37
N SER A 172 10.55 2.92 -18.06
CA SER A 172 11.68 2.22 -17.51
C SER A 172 11.55 0.71 -17.74
N LEU A 173 10.34 0.26 -18.02
CA LEU A 173 10.09 -1.15 -18.24
C LEU A 173 10.68 -1.65 -19.55
N LEU A 174 11.00 -0.75 -20.46
CA LEU A 174 11.53 -1.14 -21.73
C LEU A 174 13.05 -1.09 -21.82
N THR A 175 13.68 -0.46 -20.85
CA THR A 175 15.13 -0.30 -20.88
C THR A 175 16.01 -1.55 -20.72
N SER A 176 15.43 -2.67 -20.29
CA SER A 176 16.18 -3.86 -20.14
C SER A 176 15.87 -4.80 -21.29
N PHE A 177 15.30 -4.27 -22.38
CA PHE A 177 14.96 -5.06 -23.55
C PHE A 177 15.52 -4.37 -24.79
N PRO A 178 16.84 -4.48 -24.95
CA PRO A 178 17.55 -3.87 -26.04
C PRO A 178 17.02 -4.19 -27.43
N LEU A 179 16.74 -5.45 -27.72
CA LEU A 179 16.23 -5.78 -29.05
C LEU A 179 14.86 -5.14 -29.27
N LEU A 180 14.03 -5.12 -28.24
CA LEU A 180 12.73 -4.53 -28.34
C LEU A 180 12.87 -3.02 -28.58
N LYS A 181 13.84 -2.38 -27.93
CA LYS A 181 14.04 -0.94 -28.10
C LYS A 181 14.44 -0.70 -29.57
N ALA A 182 15.40 -1.46 -30.05
CA ALA A 182 15.86 -1.33 -31.43
C ALA A 182 14.72 -1.62 -32.41
N PHE A 183 13.88 -2.58 -32.08
CA PHE A 183 12.75 -2.92 -32.91
C PHE A 183 11.80 -1.73 -32.96
N LYS A 184 11.50 -1.19 -31.80
CA LYS A 184 10.59 -0.06 -31.69
C LYS A 184 11.05 1.07 -32.61
N SER A 185 12.32 1.44 -32.50
CA SER A 185 12.85 2.49 -33.31
C SER A 185 12.72 2.17 -34.80
N ARG A 186 13.03 0.93 -35.15
CA ARG A 186 12.95 0.51 -36.54
C ARG A 186 11.54 0.66 -37.13
N ILE A 187 10.57 0.00 -36.51
CA ILE A 187 9.19 0.07 -36.99
C ILE A 187 8.65 1.50 -37.03
N SER A 188 9.00 2.30 -36.03
CA SER A 188 8.58 3.69 -35.95
C SER A 188 9.11 4.54 -37.11
N SER A 189 10.19 4.07 -37.72
CA SER A 189 10.81 4.77 -38.82
C SER A 189 10.20 4.42 -40.18
N LEU A 190 9.40 3.35 -40.23
CA LEU A 190 8.76 2.98 -41.48
C LEU A 190 7.88 4.16 -41.88
N PRO A 191 8.05 4.72 -43.09
CA PRO A 191 7.30 5.88 -43.62
C PRO A 191 5.84 5.96 -43.19
N ASN A 192 5.03 4.99 -43.59
CA ASN A 192 3.62 4.96 -43.24
C ASN A 192 3.41 5.08 -41.72
N VAL A 193 4.23 4.37 -40.97
CA VAL A 193 4.15 4.38 -39.52
C VAL A 193 4.53 5.76 -38.97
N LYS A 194 5.69 6.26 -39.40
CA LYS A 194 6.19 7.58 -39.00
C LYS A 194 5.07 8.60 -39.20
N LYS A 195 4.40 8.50 -40.34
CA LYS A 195 3.34 9.40 -40.66
C LYS A 195 2.20 9.29 -39.65
N PHE A 196 1.80 8.07 -39.35
CA PHE A 196 0.72 7.83 -38.43
C PHE A 196 1.09 8.39 -37.06
N LEU A 197 2.36 8.25 -36.68
CA LEU A 197 2.82 8.75 -35.40
C LEU A 197 2.86 10.27 -35.35
N GLN A 198 2.97 10.91 -36.50
CA GLN A 198 3.02 12.31 -36.55
C GLN A 198 1.66 12.90 -36.20
N PRO A 199 1.68 14.10 -35.61
CA PRO A 199 0.45 14.78 -35.22
C PRO A 199 -0.44 15.02 -36.43
N GLY A 200 -1.73 15.23 -36.19
CA GLY A 200 -2.65 15.46 -37.29
C GLY A 200 -3.12 14.21 -37.98
N SER A 201 -2.66 13.04 -37.52
CA SER A 201 -3.08 11.78 -38.10
C SER A 201 -4.35 11.36 -37.35
N GLN A 202 -4.91 10.22 -37.70
CA GLN A 202 -6.11 9.75 -37.04
C GLN A 202 -5.78 8.97 -35.78
N ARG A 203 -4.50 9.00 -35.37
CA ARG A 203 -4.08 8.29 -34.18
C ARG A 203 -4.73 8.92 -32.96
N LYS A 204 -5.49 8.13 -32.21
CA LYS A 204 -6.17 8.65 -31.04
C LYS A 204 -5.28 8.75 -29.80
N LEU A 205 -5.65 9.69 -28.94
CA LEU A 205 -4.94 9.94 -27.74
C LEU A 205 -5.52 9.07 -26.64
N PRO A 206 -4.83 8.96 -25.49
CA PRO A 206 -5.31 8.16 -24.40
C PRO A 206 -6.49 8.81 -23.69
N MET A 207 -7.47 7.97 -23.38
CA MET A 207 -8.68 8.35 -22.69
C MET A 207 -8.46 9.30 -21.49
N ASP A 208 -9.35 10.29 -21.37
CA ASP A 208 -9.29 11.29 -20.30
C ASP A 208 -10.61 11.40 -19.54
N ALA A 209 -10.53 11.88 -18.29
CA ALA A 209 -11.69 12.05 -17.39
C ALA A 209 -13.02 12.52 -18.00
N LYS A 210 -12.97 13.45 -18.94
CA LYS A 210 -14.19 13.94 -19.57
C LYS A 210 -14.63 13.00 -20.69
N GLN A 211 -13.71 12.65 -21.58
CA GLN A 211 -13.99 11.75 -22.72
C GLN A 211 -13.99 10.28 -22.28
N ILE A 212 -14.32 10.05 -21.01
CA ILE A 212 -14.40 8.69 -20.44
C ILE A 212 -15.80 8.47 -19.84
N GLU A 213 -16.28 9.47 -19.10
CA GLU A 213 -17.59 9.41 -18.47
C GLU A 213 -18.69 9.22 -19.50
N GLU A 214 -18.57 9.91 -20.63
CA GLU A 214 -19.54 9.80 -21.71
C GLU A 214 -19.68 8.38 -22.23
N ALA A 215 -18.56 7.79 -22.66
CA ALA A 215 -18.55 6.40 -23.21
C ALA A 215 -19.25 5.34 -22.33
N ARG A 216 -19.29 5.58 -21.03
CA ARG A 216 -19.93 4.64 -20.06
C ARG A 216 -21.44 4.58 -20.30
N LYS A 217 -22.09 5.74 -20.34
CA LYS A 217 -23.53 5.82 -20.58
C LYS A 217 -23.78 5.52 -22.07
N ILE A 218 -22.95 6.07 -22.94
CA ILE A 218 -23.06 5.89 -24.40
C ILE A 218 -23.03 4.42 -24.79
N TYR A 219 -22.42 3.59 -23.97
CA TYR A 219 -22.33 2.14 -24.22
C TYR A 219 -23.64 1.59 -24.75
N LYS A 220 -24.75 2.22 -24.35
CA LYS A 220 -26.12 1.89 -24.78
C LYS A 220 -27.01 1.06 -23.87
N PHE A 221 -26.85 1.26 -22.56
CA PHE A 221 -27.64 0.56 -21.49
C PHE A 221 -28.18 -0.84 -21.86
N SER B 1 18.48 24.74 10.22
CA SER B 1 17.27 24.67 11.07
C SER B 1 17.25 24.11 12.49
N GLY B 2 16.78 24.93 13.43
CA GLY B 2 16.66 24.51 14.81
C GLY B 2 15.19 24.14 14.96
N LYS B 3 14.43 24.54 13.95
CA LYS B 3 13.05 24.27 13.90
C LYS B 3 12.91 23.02 13.08
N PRO B 4 12.24 22.00 13.65
CA PRO B 4 12.02 20.74 12.95
C PRO B 4 11.25 21.04 11.67
N VAL B 5 11.50 20.28 10.62
CA VAL B 5 10.80 20.49 9.38
C VAL B 5 9.89 19.30 9.08
N LEU B 6 8.58 19.56 9.05
CA LEU B 6 7.60 18.51 8.78
C LEU B 6 7.29 18.39 7.29
N HIS B 7 7.41 17.19 6.74
CA HIS B 7 7.13 16.98 5.33
C HIS B 7 5.84 16.19 5.20
N TYR B 8 4.81 16.84 4.66
CA TYR B 8 3.53 16.20 4.48
C TYR B 8 2.62 17.02 3.60
N PHE B 9 1.44 16.47 3.28
CA PHE B 9 0.47 17.17 2.44
C PHE B 9 -0.23 18.22 3.27
N ASN B 10 -0.83 19.20 2.60
CA ASN B 10 -1.54 20.25 3.28
C ASN B 10 -2.84 19.64 3.82
N ALA B 11 -2.73 18.87 4.89
CA ALA B 11 -3.89 18.21 5.49
C ALA B 11 -3.50 17.52 6.81
N ARG B 12 -4.52 17.25 7.63
CA ARG B 12 -4.33 16.58 8.91
C ARG B 12 -3.62 15.25 8.75
N GLY B 13 -4.33 14.28 8.18
CA GLY B 13 -3.76 12.96 7.96
C GLY B 13 -3.07 12.40 9.19
N ARG B 14 -1.91 11.82 8.99
CA ARG B 14 -1.14 11.24 10.07
C ARG B 14 -0.19 12.24 10.73
N MET B 15 0.05 13.36 10.07
CA MET B 15 0.96 14.37 10.60
C MET B 15 0.35 15.31 11.64
N GLU B 16 -0.97 15.43 11.64
CA GLU B 16 -1.63 16.32 12.55
C GLU B 16 -1.24 16.08 14.01
N CYS B 17 -1.27 14.83 14.43
CA CYS B 17 -0.92 14.45 15.79
C CYS B 17 0.48 14.92 16.15
N ILE B 18 1.33 14.99 15.16
CA ILE B 18 2.68 15.43 15.34
C ILE B 18 2.65 16.94 15.56
N ARG B 19 1.96 17.64 14.67
CA ARG B 19 1.85 19.09 14.74
C ARG B 19 1.32 19.51 16.12
N PHE B 20 0.24 18.87 16.54
CA PHE B 20 -0.39 19.13 17.80
C PHE B 20 0.59 18.94 18.93
N LEU B 21 1.25 17.79 18.95
CA LEU B 21 2.20 17.49 19.98
C LEU B 21 3.29 18.54 20.03
N LEU B 22 3.80 18.92 18.86
CA LEU B 22 4.85 19.93 18.81
C LEU B 22 4.35 21.25 19.37
N ALA B 23 3.16 21.65 18.93
CA ALA B 23 2.56 22.89 19.36
C ALA B 23 2.45 22.94 20.87
N ALA B 24 1.90 21.88 21.44
CA ALA B 24 1.72 21.77 22.87
C ALA B 24 3.02 21.89 23.65
N ALA B 25 4.12 21.43 23.06
CA ALA B 25 5.40 21.48 23.70
C ALA B 25 6.04 22.87 23.63
N GLY B 26 5.44 23.76 22.85
CA GLY B 26 5.99 25.09 22.71
C GLY B 26 7.22 25.08 21.82
N VAL B 27 7.21 24.18 20.85
CA VAL B 27 8.30 24.03 19.92
C VAL B 27 7.95 24.64 18.58
N GLU B 28 8.91 25.32 17.96
CA GLU B 28 8.70 25.94 16.69
C GLU B 28 9.04 24.98 15.57
N PHE B 29 8.20 24.92 14.54
CA PHE B 29 8.45 24.04 13.45
C PHE B 29 8.11 24.60 12.08
N ASP B 30 8.89 24.21 11.10
CA ASP B 30 8.73 24.62 9.74
C ASP B 30 7.88 23.54 9.08
N GLU B 31 7.10 23.92 8.08
CA GLU B 31 6.30 22.98 7.37
C GLU B 31 6.66 23.02 5.90
N LYS B 32 6.83 21.84 5.31
CA LYS B 32 7.17 21.70 3.91
C LYS B 32 6.05 20.86 3.31
N PHE B 33 5.05 21.53 2.78
CA PHE B 33 3.90 20.87 2.21
C PHE B 33 4.06 20.33 0.80
N ILE B 34 3.48 19.16 0.59
CA ILE B 34 3.50 18.51 -0.68
C ILE B 34 2.23 19.04 -1.37
N GLN B 35 2.44 19.87 -2.39
CA GLN B 35 1.35 20.46 -3.12
C GLN B 35 0.89 19.61 -4.30
N SER B 36 1.85 18.97 -4.98
CA SER B 36 1.53 18.16 -6.13
C SER B 36 2.31 16.86 -6.10
N PRO B 37 1.82 15.83 -6.83
CA PRO B 37 2.46 14.53 -6.91
C PRO B 37 3.96 14.64 -7.19
N GLU B 38 4.32 15.59 -8.06
CA GLU B 38 5.71 15.80 -8.43
C GLU B 38 6.57 16.18 -7.21
N ASP B 39 6.00 16.97 -6.30
CA ASP B 39 6.73 17.37 -5.10
C ASP B 39 6.99 16.11 -4.27
N LEU B 40 6.01 15.22 -4.29
CA LEU B 40 6.08 13.97 -3.57
C LEU B 40 7.19 13.12 -4.19
N GLU B 41 7.16 12.96 -5.52
CA GLU B 41 8.17 12.18 -6.22
C GLU B 41 9.53 12.88 -6.09
N LYS B 42 9.50 14.20 -6.04
CA LYS B 42 10.71 14.99 -5.89
C LYS B 42 11.30 14.58 -4.55
N LEU B 43 10.44 14.64 -3.53
CA LEU B 43 10.83 14.30 -2.20
C LEU B 43 11.45 12.91 -2.20
N LYS B 44 10.73 11.96 -2.78
CA LYS B 44 11.17 10.57 -2.84
C LYS B 44 12.56 10.42 -3.47
N LYS B 45 12.79 11.08 -4.60
CA LYS B 45 14.06 11.00 -5.29
C LYS B 45 15.26 11.45 -4.45
N ASP B 46 15.01 12.40 -3.54
CA ASP B 46 16.06 12.91 -2.66
C ASP B 46 16.66 11.82 -1.77
N GLY B 47 15.88 10.76 -1.53
CA GLY B 47 16.35 9.66 -0.71
C GLY B 47 16.32 9.94 0.78
N ASN B 48 15.49 10.88 1.20
CA ASN B 48 15.38 11.20 2.61
C ASN B 48 14.12 10.61 3.22
N LEU B 49 13.49 9.70 2.49
CA LEU B 49 12.29 9.02 2.96
C LEU B 49 12.69 7.54 2.98
N MET B 50 13.07 7.07 4.15
CA MET B 50 13.53 5.72 4.34
C MET B 50 12.70 4.64 3.66
N PHE B 51 11.39 4.86 3.59
CA PHE B 51 10.51 3.89 2.95
C PHE B 51 9.60 4.57 1.92
N ASP B 52 10.09 5.64 1.31
CA ASP B 52 9.33 6.39 0.28
C ASP B 52 7.95 6.85 0.78
N GLN B 53 7.90 7.31 2.02
CA GLN B 53 6.64 7.75 2.61
C GLN B 53 6.79 8.92 3.58
N VAL B 54 5.66 9.54 3.89
CA VAL B 54 5.61 10.66 4.84
C VAL B 54 4.53 10.22 5.83
N PRO B 55 4.43 10.77 7.04
CA PRO B 55 5.22 11.79 7.63
C PRO B 55 6.71 11.52 7.67
N MET B 56 7.47 12.61 7.68
CA MET B 56 8.87 12.58 7.75
C MET B 56 9.23 13.93 8.36
N VAL B 57 10.01 13.91 9.42
CA VAL B 57 10.39 15.12 10.09
C VAL B 57 11.90 15.24 10.26
N GLU B 58 12.46 16.32 9.71
CA GLU B 58 13.89 16.57 9.81
C GLU B 58 14.08 17.24 11.16
N ILE B 59 14.90 16.62 12.00
CA ILE B 59 15.13 17.15 13.31
C ILE B 59 16.42 16.58 13.88
N ASP B 60 17.20 17.44 14.54
CA ASP B 60 18.45 17.04 15.15
C ASP B 60 19.35 16.21 14.23
N GLY B 61 19.50 16.66 12.99
CA GLY B 61 20.34 15.98 12.02
C GLY B 61 19.81 14.67 11.45
N MET B 62 18.63 14.28 11.88
CA MET B 62 18.02 13.08 11.43
C MET B 62 16.86 13.39 10.50
N LYS B 63 16.46 12.37 9.75
CA LYS B 63 15.35 12.46 8.84
C LYS B 63 14.42 11.36 9.33
N LEU B 64 13.58 11.69 10.30
CA LEU B 64 12.68 10.75 10.87
C LEU B 64 11.42 10.48 10.08
N ALA B 65 11.26 9.24 9.67
CA ALA B 65 10.09 8.83 8.95
C ALA B 65 9.32 7.95 9.93
N GLN B 66 8.04 7.72 9.65
CA GLN B 66 7.17 6.89 10.52
C GLN B 66 6.59 7.71 11.68
N THR B 67 5.27 7.86 11.64
CA THR B 67 4.49 8.61 12.63
C THR B 67 4.88 8.41 14.10
N ARG B 68 4.81 7.17 14.57
CA ARG B 68 5.14 6.83 15.94
C ARG B 68 6.59 7.11 16.33
N ALA B 69 7.51 6.87 15.41
CA ALA B 69 8.91 7.10 15.67
C ALA B 69 9.14 8.58 15.93
N ILE B 70 8.54 9.41 15.07
CA ILE B 70 8.66 10.82 15.19
C ILE B 70 8.03 11.27 16.51
N LEU B 71 6.83 10.79 16.78
CA LEU B 71 6.12 11.12 18.02
C LEU B 71 6.92 10.74 19.25
N ASN B 72 7.42 9.50 19.25
CA ASN B 72 8.21 9.02 20.38
C ASN B 72 9.44 9.88 20.62
N TYR B 73 10.07 10.33 19.54
CA TYR B 73 11.23 11.13 19.67
C TYR B 73 10.89 12.46 20.31
N ILE B 74 9.90 13.14 19.74
CA ILE B 74 9.46 14.43 20.23
C ILE B 74 9.08 14.33 21.70
N ALA B 75 8.33 13.29 22.04
CA ALA B 75 7.88 13.06 23.41
C ALA B 75 9.05 13.01 24.36
N THR B 76 10.01 12.15 24.09
CA THR B 76 11.20 12.00 24.93
C THR B 76 11.97 13.33 25.06
N LYS B 77 12.26 13.95 23.93
CA LYS B 77 13.02 15.19 23.89
C LYS B 77 12.41 16.33 24.70
N TYR B 78 11.12 16.57 24.52
CA TYR B 78 10.45 17.64 25.23
C TYR B 78 9.86 17.20 26.57
N ASP B 79 10.36 16.06 27.06
CA ASP B 79 9.93 15.51 28.34
C ASP B 79 8.43 15.25 28.52
N LEU B 80 7.75 14.85 27.46
CA LEU B 80 6.31 14.56 27.53
C LEU B 80 5.96 13.07 27.47
N TYR B 81 6.89 12.22 27.92
CA TYR B 81 6.68 10.76 27.89
C TYR B 81 6.77 10.08 29.27
N GLY B 82 6.08 10.63 30.27
CA GLY B 82 6.09 10.06 31.61
C GLY B 82 7.45 10.15 32.28
N LYS B 83 7.69 9.38 33.34
CA LYS B 83 8.99 9.43 34.00
C LYS B 83 9.61 8.06 34.29
N ASP B 84 9.05 7.00 33.72
CA ASP B 84 9.56 5.65 33.89
C ASP B 84 8.82 4.71 32.96
N MET B 85 9.46 3.59 32.63
CA MET B 85 8.89 2.63 31.75
C MET B 85 7.48 2.22 32.08
N LYS B 86 7.15 2.12 33.36
CA LYS B 86 5.80 1.71 33.72
C LYS B 86 4.77 2.75 33.29
N GLU B 87 5.16 4.02 33.31
CA GLU B 87 4.27 5.06 32.90
C GLU B 87 4.17 5.05 31.38
N ARG B 88 5.31 4.86 30.72
CA ARG B 88 5.36 4.81 29.29
C ARG B 88 4.48 3.68 28.82
N ALA B 89 4.44 2.61 29.58
CA ALA B 89 3.60 1.45 29.26
C ALA B 89 2.16 1.94 29.12
N LEU B 90 1.69 2.65 30.13
CA LEU B 90 0.34 3.18 30.15
C LEU B 90 0.11 4.16 29.01
N ILE B 91 1.04 5.08 28.83
CA ILE B 91 0.95 6.07 27.77
C ILE B 91 0.83 5.40 26.39
N ASP B 92 1.62 4.37 26.20
CA ASP B 92 1.61 3.65 24.96
C ASP B 92 0.28 2.98 24.67
N MET B 93 -0.24 2.21 25.62
CA MET B 93 -1.51 1.54 25.42
C MET B 93 -2.63 2.54 25.12
N TYR B 94 -2.64 3.63 25.87
CA TYR B 94 -3.64 4.66 25.70
C TYR B 94 -3.51 5.25 24.30
N SER B 95 -2.31 5.71 23.98
CA SER B 95 -2.03 6.28 22.70
C SER B 95 -2.42 5.35 21.54
N GLU B 96 -2.06 4.07 21.66
CA GLU B 96 -2.37 3.10 20.61
C GLU B 96 -3.88 2.98 20.42
N GLY B 97 -4.62 3.09 21.50
CA GLY B 97 -6.07 3.04 21.40
C GLY B 97 -6.59 4.24 20.65
N ILE B 98 -6.11 5.42 21.02
CA ILE B 98 -6.52 6.65 20.36
C ILE B 98 -6.24 6.56 18.86
N LEU B 99 -5.02 6.14 18.54
CA LEU B 99 -4.59 5.97 17.20
C LEU B 99 -5.54 5.08 16.42
N ASP B 100 -5.82 3.90 16.96
CA ASP B 100 -6.70 2.98 16.30
C ASP B 100 -8.03 3.63 15.97
N LEU B 101 -8.63 4.27 16.97
CA LEU B 101 -9.91 4.92 16.78
C LEU B 101 -9.79 5.97 15.68
N THR B 102 -8.75 6.79 15.78
CA THR B 102 -8.53 7.83 14.83
C THR B 102 -8.44 7.28 13.41
N GLU B 103 -7.71 6.17 13.24
CA GLU B 103 -7.56 5.54 11.91
C GLU B 103 -8.93 5.19 11.35
N MET B 104 -9.76 4.63 12.20
CA MET B 104 -11.08 4.26 11.82
C MET B 104 -11.83 5.54 11.45
N ILE B 105 -11.73 6.54 12.30
CA ILE B 105 -12.39 7.81 12.07
C ILE B 105 -11.94 8.41 10.74
N MET B 106 -10.70 8.16 10.37
CA MET B 106 -10.19 8.66 9.13
C MET B 106 -10.82 7.91 7.97
N GLN B 107 -10.76 6.59 8.04
CA GLN B 107 -11.30 5.73 7.01
C GLN B 107 -12.76 6.06 6.67
N LEU B 108 -13.45 6.70 7.62
CA LEU B 108 -14.86 7.07 7.45
C LEU B 108 -15.17 7.92 6.22
N VAL B 109 -14.14 8.40 5.54
CA VAL B 109 -14.35 9.20 4.35
C VAL B 109 -13.53 8.73 3.15
N ILE B 110 -13.05 7.49 3.21
CA ILE B 110 -12.26 6.93 2.11
C ILE B 110 -12.90 5.65 1.59
N CYS B 111 -13.63 4.96 2.45
CA CYS B 111 -14.30 3.74 2.08
C CYS B 111 -15.39 4.02 1.05
N PRO B 112 -15.78 3.02 0.23
CA PRO B 112 -16.82 3.20 -0.78
C PRO B 112 -18.11 3.70 -0.12
N PRO B 113 -18.68 4.84 -0.58
CA PRO B 113 -19.92 5.47 -0.06
C PRO B 113 -21.03 4.51 0.32
N ASP B 114 -21.15 3.41 -0.41
CA ASP B 114 -22.16 2.40 -0.15
C ASP B 114 -22.05 1.94 1.30
N GLN B 115 -20.82 1.80 1.76
CA GLN B 115 -20.53 1.35 3.11
C GLN B 115 -20.53 2.47 4.14
N LYS B 116 -20.45 3.72 3.67
CA LYS B 116 -20.40 4.89 4.57
C LYS B 116 -21.31 4.81 5.78
N GLU B 117 -22.62 4.76 5.55
CA GLU B 117 -23.59 4.66 6.64
C GLU B 117 -23.15 3.67 7.71
N ALA B 118 -22.89 2.44 7.29
CA ALA B 118 -22.48 1.40 8.19
C ALA B 118 -21.14 1.67 8.87
N LYS B 119 -20.16 2.16 8.12
CA LYS B 119 -18.85 2.43 8.69
C LYS B 119 -18.93 3.49 9.78
N THR B 120 -19.76 4.50 9.54
CA THR B 120 -19.96 5.56 10.49
C THR B 120 -20.52 4.91 11.75
N ALA B 121 -21.56 4.11 11.58
CA ALA B 121 -22.19 3.43 12.67
C ALA B 121 -21.15 2.64 13.46
N LEU B 122 -20.30 1.90 12.74
CA LEU B 122 -19.26 1.12 13.36
C LEU B 122 -18.37 2.01 14.21
N ALA B 123 -17.96 3.12 13.63
CA ALA B 123 -17.12 4.07 14.31
C ALA B 123 -17.83 4.56 15.57
N LYS B 124 -19.12 4.83 15.43
CA LYS B 124 -19.94 5.31 16.53
C LYS B 124 -19.92 4.33 17.69
N ASP B 125 -20.26 3.09 17.39
CA ASP B 125 -20.31 2.04 18.39
C ASP B 125 -19.00 1.99 19.15
N ARG B 126 -17.92 1.78 18.40
CA ARG B 126 -16.63 1.70 18.96
C ARG B 126 -16.34 2.93 19.81
N THR B 127 -16.78 4.08 19.34
CA THR B 127 -16.54 5.31 20.03
C THR B 127 -17.27 5.47 21.36
N LYS B 128 -18.53 5.03 21.45
CA LYS B 128 -19.21 5.22 22.71
C LYS B 128 -19.27 4.02 23.63
N ASN B 129 -18.93 2.84 23.11
CA ASN B 129 -18.97 1.65 23.92
C ASN B 129 -17.60 1.06 24.20
N ARG B 130 -16.60 1.44 23.41
CA ARG B 130 -15.25 0.92 23.61
C ARG B 130 -14.25 1.97 24.11
N TYR B 131 -13.95 2.94 23.26
CA TYR B 131 -12.99 3.95 23.58
C TYR B 131 -13.31 4.96 24.68
N LEU B 132 -14.31 5.81 24.46
CA LEU B 132 -14.67 6.81 25.47
C LEU B 132 -14.74 6.20 26.87
N PRO B 133 -15.50 5.12 27.07
CA PRO B 133 -15.62 4.49 28.37
C PRO B 133 -14.27 4.12 28.95
N ALA B 134 -13.38 3.61 28.10
CA ALA B 134 -12.05 3.23 28.54
C ALA B 134 -11.33 4.43 29.16
N PHE B 135 -11.42 5.59 28.51
CA PHE B 135 -10.78 6.77 29.02
C PHE B 135 -11.50 7.38 30.19
N GLU B 136 -12.83 7.40 30.10
CA GLU B 136 -13.64 7.94 31.17
C GLU B 136 -13.29 7.14 32.43
N LYS B 137 -13.14 5.83 32.25
CA LYS B 137 -12.80 4.91 33.33
C LYS B 137 -11.42 5.26 33.89
N VAL B 138 -10.46 5.48 32.99
CA VAL B 138 -9.11 5.82 33.41
C VAL B 138 -9.16 7.02 34.34
N LEU B 139 -9.98 8.00 33.97
CA LEU B 139 -10.13 9.21 34.76
C LEU B 139 -10.82 8.95 36.10
N LYS B 140 -11.93 8.21 36.07
CA LYS B 140 -12.67 7.91 37.28
C LYS B 140 -11.90 7.06 38.29
N SER B 141 -11.05 6.17 37.80
CA SER B 141 -10.28 5.29 38.67
C SER B 141 -9.21 5.97 39.54
N HIS B 142 -8.82 7.19 39.19
CA HIS B 142 -7.80 7.88 39.98
C HIS B 142 -8.11 9.30 40.44
N GLY B 143 -9.10 9.94 39.83
CA GLY B 143 -9.46 11.30 40.23
C GLY B 143 -8.33 12.32 40.11
N GLN B 144 -7.59 12.23 39.03
CA GLN B 144 -6.50 13.13 38.76
C GLN B 144 -6.83 13.81 37.46
N ASP B 145 -6.23 14.98 37.24
CA ASP B 145 -6.51 15.74 36.05
C ASP B 145 -5.82 15.28 34.78
N TYR B 146 -4.85 14.37 34.92
CA TYR B 146 -4.14 13.87 33.78
C TYR B 146 -4.34 12.38 33.65
N LEU B 147 -4.14 11.86 32.45
CA LEU B 147 -4.32 10.46 32.20
C LEU B 147 -3.28 9.57 32.86
N VAL B 148 -2.02 9.98 32.80
CA VAL B 148 -0.93 9.20 33.35
C VAL B 148 -0.08 9.95 34.35
N GLY B 149 0.23 9.27 35.46
CA GLY B 149 1.08 9.80 36.51
C GLY B 149 0.90 11.23 36.98
N ASN B 150 -0.34 11.71 37.00
CA ASN B 150 -0.67 13.06 37.45
C ASN B 150 0.32 14.14 36.99
N LYS B 151 0.61 14.13 35.69
CA LYS B 151 1.51 15.11 35.07
C LYS B 151 1.06 15.15 33.61
N LEU B 152 1.19 16.32 32.97
CA LEU B 152 0.78 16.42 31.60
C LEU B 152 1.72 15.58 30.75
N THR B 153 1.16 14.81 29.82
CA THR B 153 1.95 13.96 28.92
C THR B 153 1.34 13.95 27.51
N ARG B 154 2.06 13.32 26.58
CA ARG B 154 1.63 13.22 25.23
C ARG B 154 0.21 12.70 25.06
N VAL B 155 -0.15 11.65 25.80
CA VAL B 155 -1.49 11.09 25.68
C VAL B 155 -2.58 12.10 25.99
N ASP B 156 -2.32 12.98 26.96
CA ASP B 156 -3.31 13.98 27.30
C ASP B 156 -3.59 14.76 26.04
N ILE B 157 -2.52 15.16 25.36
CA ILE B 157 -2.65 15.89 24.13
C ILE B 157 -3.37 15.03 23.11
N HIS B 158 -2.94 13.77 22.99
CA HIS B 158 -3.53 12.83 22.03
C HIS B 158 -5.03 12.64 22.22
N LEU B 159 -5.47 12.50 23.46
CA LEU B 159 -6.87 12.30 23.74
C LEU B 159 -7.65 13.56 23.39
N LEU B 160 -7.17 14.72 23.83
CA LEU B 160 -7.84 15.99 23.56
C LEU B 160 -8.15 16.11 22.07
N GLU B 161 -7.16 15.82 21.23
CA GLU B 161 -7.32 15.88 19.80
C GLU B 161 -8.48 14.98 19.35
N LEU B 162 -8.45 13.73 19.80
CA LEU B 162 -9.49 12.80 19.46
C LEU B 162 -10.85 13.35 19.85
N LEU B 163 -10.94 13.87 21.06
CA LEU B 163 -12.18 14.44 21.58
C LEU B 163 -12.65 15.54 20.62
N LEU B 164 -11.70 16.37 20.19
CA LEU B 164 -11.98 17.45 19.28
C LEU B 164 -12.57 16.92 17.98
N TYR B 165 -11.98 15.84 17.49
CA TYR B 165 -12.44 15.23 16.28
C TYR B 165 -13.86 14.75 16.51
N VAL B 166 -14.09 14.19 17.69
CA VAL B 166 -15.39 13.69 18.05
C VAL B 166 -16.37 14.86 18.07
N GLU B 167 -15.89 16.03 18.52
CA GLU B 167 -16.72 17.22 18.56
C GLU B 167 -17.27 17.47 17.17
N GLU B 168 -16.42 17.35 16.16
CA GLU B 168 -16.82 17.55 14.79
C GLU B 168 -17.75 16.43 14.35
N PHE B 169 -17.27 15.19 14.47
CA PHE B 169 -18.03 14.00 14.09
C PHE B 169 -19.43 13.99 14.71
N ASP B 170 -19.54 14.50 15.94
CA ASP B 170 -20.81 14.56 16.67
C ASP B 170 -20.60 14.98 18.13
N ALA B 171 -20.92 16.23 18.43
CA ALA B 171 -20.75 16.76 19.78
C ALA B 171 -21.77 16.25 20.81
N SER B 172 -22.35 15.08 20.54
CA SER B 172 -23.31 14.52 21.47
C SER B 172 -22.78 13.23 22.09
N LEU B 173 -21.82 12.59 21.41
CA LEU B 173 -21.23 11.36 21.91
C LEU B 173 -20.63 11.66 23.28
N LEU B 174 -19.97 12.81 23.34
CA LEU B 174 -19.32 13.30 24.53
C LEU B 174 -20.23 13.46 25.74
N THR B 175 -21.51 13.65 25.50
CA THR B 175 -22.49 13.86 26.56
C THR B 175 -22.39 12.90 27.74
N SER B 176 -22.48 11.60 27.47
CA SER B 176 -22.44 10.58 28.50
C SER B 176 -21.10 10.48 29.23
N PHE B 177 -20.13 11.31 28.86
CA PHE B 177 -18.80 11.25 29.48
C PHE B 177 -18.41 12.53 30.21
N PRO B 178 -18.90 12.70 31.45
CA PRO B 178 -18.60 13.86 32.26
C PRO B 178 -17.11 14.10 32.46
N LEU B 179 -16.38 13.07 32.86
CA LEU B 179 -14.97 13.23 33.10
C LEU B 179 -14.22 13.65 31.85
N LEU B 180 -14.57 13.06 30.70
CA LEU B 180 -13.93 13.39 29.46
C LEU B 180 -14.21 14.84 29.04
N LYS B 181 -15.46 15.26 29.17
CA LYS B 181 -15.83 16.63 28.82
C LYS B 181 -15.02 17.63 29.64
N ALA B 182 -14.89 17.39 30.94
CA ALA B 182 -14.12 18.29 31.81
C ALA B 182 -12.65 18.29 31.39
N PHE B 183 -12.15 17.12 31.04
CA PHE B 183 -10.77 16.96 30.60
C PHE B 183 -10.52 17.78 29.33
N LYS B 184 -11.44 17.70 28.37
CA LYS B 184 -11.31 18.43 27.12
C LYS B 184 -11.05 19.90 27.42
N SER B 185 -11.96 20.50 28.18
CA SER B 185 -11.88 21.89 28.56
C SER B 185 -10.55 22.21 29.23
N ARG B 186 -10.21 21.45 30.26
CA ARG B 186 -8.97 21.65 31.01
C ARG B 186 -7.75 21.69 30.12
N ILE B 187 -7.64 20.72 29.22
CA ILE B 187 -6.52 20.66 28.33
C ILE B 187 -6.59 21.78 27.31
N SER B 188 -7.80 22.09 26.86
CA SER B 188 -8.02 23.15 25.87
C SER B 188 -7.59 24.54 26.36
N SER B 189 -7.46 24.69 27.67
CA SER B 189 -7.08 25.97 28.25
C SER B 189 -5.58 26.17 28.42
N LEU B 190 -4.80 25.11 28.28
CA LEU B 190 -3.34 25.22 28.41
C LEU B 190 -2.88 26.24 27.38
N PRO B 191 -2.17 27.30 27.81
CA PRO B 191 -1.65 28.38 26.95
C PRO B 191 -1.24 27.93 25.56
N ASN B 192 -0.31 26.97 25.51
CA ASN B 192 0.21 26.44 24.25
C ASN B 192 -0.86 25.86 23.35
N VAL B 193 -1.80 25.13 23.95
CA VAL B 193 -2.89 24.50 23.21
C VAL B 193 -3.93 25.51 22.73
N LYS B 194 -4.34 26.40 23.62
CA LYS B 194 -5.35 27.44 23.31
C LYS B 194 -4.95 28.15 22.01
N LYS B 195 -3.65 28.39 21.87
CA LYS B 195 -3.09 29.04 20.67
C LYS B 195 -3.22 28.22 19.39
N PHE B 196 -2.79 26.97 19.41
CA PHE B 196 -2.86 26.08 18.24
C PHE B 196 -4.30 25.93 17.78
N LEU B 197 -5.23 25.99 18.74
CA LEU B 197 -6.63 25.86 18.44
C LEU B 197 -7.25 27.12 17.87
N GLN B 198 -6.42 28.14 17.68
CA GLN B 198 -6.86 29.41 17.14
C GLN B 198 -6.36 29.57 15.71
N PRO B 199 -6.91 30.56 14.96
CA PRO B 199 -6.51 30.83 13.58
C PRO B 199 -5.04 31.20 13.47
N GLY B 200 -4.50 31.04 12.27
CA GLY B 200 -3.11 31.37 12.05
C GLY B 200 -2.13 30.41 12.70
N SER B 201 -2.54 29.16 12.86
CA SER B 201 -1.69 28.14 13.45
C SER B 201 -1.54 27.03 12.41
N GLN B 202 -0.51 26.21 12.57
CA GLN B 202 -0.26 25.10 11.62
C GLN B 202 -1.31 24.00 11.70
N ARG B 203 -2.35 24.24 12.48
CA ARG B 203 -3.42 23.31 12.64
C ARG B 203 -4.11 23.14 11.28
N LYS B 204 -4.25 21.89 10.86
CA LYS B 204 -4.90 21.59 9.63
C LYS B 204 -6.40 21.61 9.76
N LEU B 205 -7.05 22.04 8.70
CA LEU B 205 -8.46 22.16 8.65
C LEU B 205 -9.18 20.83 8.40
N PRO B 206 -10.52 20.84 8.28
CA PRO B 206 -11.36 19.65 8.04
C PRO B 206 -11.02 18.86 6.77
N MET B 207 -10.35 17.74 6.98
CA MET B 207 -9.92 16.79 5.92
C MET B 207 -10.37 17.13 4.49
N SER C 1 10.01 -13.31 41.43
CA SER C 1 10.27 -14.15 40.22
C SER C 1 10.02 -13.12 39.11
N GLY C 2 9.50 -13.58 37.98
CA GLY C 2 9.22 -12.69 36.87
C GLY C 2 8.67 -13.44 35.68
N LYS C 3 7.59 -14.19 35.90
CA LYS C 3 6.96 -14.98 34.86
C LYS C 3 5.74 -14.29 34.26
N PRO C 4 5.87 -13.74 33.04
CA PRO C 4 4.80 -13.04 32.32
C PRO C 4 3.76 -14.00 31.73
N VAL C 5 2.52 -13.53 31.59
CA VAL C 5 1.42 -14.34 31.04
C VAL C 5 0.82 -13.73 29.78
N LEU C 6 1.00 -14.42 28.65
CA LEU C 6 0.52 -13.94 27.39
C LEU C 6 -0.89 -14.44 27.07
N HIS C 7 -1.80 -13.52 26.79
CA HIS C 7 -3.16 -13.86 26.46
C HIS C 7 -3.40 -13.66 24.97
N TYR C 8 -3.68 -14.77 24.27
CA TYR C 8 -3.90 -14.74 22.85
C TYR C 8 -4.47 -16.05 22.34
N PHE C 9 -4.79 -16.08 21.05
CA PHE C 9 -5.30 -17.25 20.41
C PHE C 9 -4.14 -18.19 20.13
N ASN C 10 -4.49 -19.42 19.80
CA ASN C 10 -3.50 -20.40 19.51
C ASN C 10 -3.10 -20.15 18.07
N ALA C 11 -2.29 -19.11 17.87
CA ALA C 11 -1.83 -18.71 16.55
C ALA C 11 -0.80 -17.58 16.64
N ARG C 12 -0.22 -17.21 15.50
CA ARG C 12 0.76 -16.14 15.43
C ARG C 12 0.16 -14.76 15.66
N GLY C 13 -0.62 -14.29 14.69
CA GLY C 13 -1.23 -12.99 14.79
C GLY C 13 -0.25 -11.91 15.24
N ARG C 14 -0.73 -11.03 16.10
CA ARG C 14 0.09 -9.92 16.61
C ARG C 14 0.90 -10.29 17.86
N MET C 15 0.63 -11.45 18.44
CA MET C 15 1.34 -11.87 19.63
C MET C 15 2.71 -12.48 19.35
N GLU C 16 2.85 -13.09 18.17
CA GLU C 16 4.10 -13.75 17.82
C GLU C 16 5.36 -12.90 18.03
N CYS C 17 5.33 -11.66 17.58
CA CYS C 17 6.48 -10.77 17.74
C CYS C 17 6.85 -10.67 19.21
N ILE C 18 5.84 -10.60 20.07
CA ILE C 18 6.04 -10.51 21.48
C ILE C 18 6.72 -11.79 22.00
N ARG C 19 6.19 -12.93 21.59
CA ARG C 19 6.73 -14.21 21.99
C ARG C 19 8.20 -14.26 21.58
N PHE C 20 8.45 -13.83 20.36
CA PHE C 20 9.78 -13.82 19.81
C PHE C 20 10.74 -13.00 20.65
N LEU C 21 10.34 -11.79 20.99
CA LEU C 21 11.18 -10.91 21.76
C LEU C 21 11.50 -11.47 23.15
N LEU C 22 10.48 -12.00 23.83
CA LEU C 22 10.68 -12.56 25.13
C LEU C 22 11.66 -13.70 25.06
N ALA C 23 11.43 -14.61 24.11
CA ALA C 23 12.30 -15.73 23.93
C ALA C 23 13.72 -15.25 23.69
N ALA C 24 13.88 -14.25 22.83
CA ALA C 24 15.20 -13.70 22.52
C ALA C 24 15.84 -13.13 23.77
N ALA C 25 15.01 -12.50 24.60
CA ALA C 25 15.46 -11.90 25.82
C ALA C 25 15.76 -12.94 26.90
N GLY C 26 15.44 -14.20 26.61
CA GLY C 26 15.69 -15.27 27.58
C GLY C 26 14.69 -15.23 28.73
N VAL C 27 13.53 -14.66 28.47
CA VAL C 27 12.51 -14.55 29.46
C VAL C 27 11.49 -15.65 29.26
N GLU C 28 11.37 -16.54 30.23
CA GLU C 28 10.43 -17.64 30.18
C GLU C 28 9.05 -17.02 30.39
N PHE C 29 8.04 -17.55 29.73
CA PHE C 29 6.71 -17.02 29.86
C PHE C 29 5.62 -18.08 29.77
N ASP C 30 4.45 -17.74 30.31
CA ASP C 30 3.29 -18.62 30.29
C ASP C 30 2.33 -18.09 29.23
N GLU C 31 1.41 -18.92 28.76
CA GLU C 31 0.46 -18.49 27.77
C GLU C 31 -0.94 -18.95 28.15
N LYS C 32 -1.93 -18.12 27.89
CA LYS C 32 -3.29 -18.43 28.19
C LYS C 32 -4.02 -18.32 26.88
N PHE C 33 -4.21 -19.47 26.23
CA PHE C 33 -4.84 -19.51 24.98
C PHE C 33 -6.34 -19.37 24.90
N ILE C 34 -6.76 -18.48 24.02
CA ILE C 34 -8.14 -18.23 23.79
C ILE C 34 -8.54 -19.29 22.78
N GLN C 35 -9.10 -20.39 23.27
CA GLN C 35 -9.52 -21.48 22.38
C GLN C 35 -10.90 -21.30 21.78
N SER C 36 -11.73 -20.45 22.39
CA SER C 36 -13.06 -20.24 21.89
C SER C 36 -13.61 -18.86 22.25
N PRO C 37 -14.76 -18.48 21.67
CA PRO C 37 -15.42 -17.19 21.92
C PRO C 37 -15.62 -16.86 23.40
N GLU C 38 -16.31 -17.75 24.13
CA GLU C 38 -16.56 -17.52 25.55
C GLU C 38 -15.28 -17.26 26.32
N ASP C 39 -14.15 -17.77 25.85
CA ASP C 39 -12.89 -17.51 26.54
C ASP C 39 -12.60 -16.02 26.43
N LEU C 40 -12.71 -15.51 25.21
CA LEU C 40 -12.47 -14.09 24.93
C LEU C 40 -13.47 -13.27 25.74
N GLU C 41 -14.76 -13.60 25.62
CA GLU C 41 -15.81 -12.92 26.34
C GLU C 41 -15.53 -12.95 27.85
N LYS C 42 -14.97 -14.05 28.34
CA LYS C 42 -14.63 -14.18 29.75
C LYS C 42 -13.57 -13.15 30.10
N LEU C 43 -12.55 -13.04 29.25
CA LEU C 43 -11.48 -12.08 29.47
C LEU C 43 -12.02 -10.66 29.44
N LYS C 44 -12.89 -10.39 28.48
CA LYS C 44 -13.48 -9.08 28.31
C LYS C 44 -14.31 -8.68 29.52
N LYS C 45 -15.31 -9.51 29.82
CA LYS C 45 -16.22 -9.26 30.92
C LYS C 45 -15.55 -9.07 32.28
N ASP C 46 -14.37 -9.65 32.48
CA ASP C 46 -13.67 -9.49 33.75
C ASP C 46 -12.82 -8.22 33.81
N GLY C 47 -12.92 -7.38 32.77
CA GLY C 47 -12.18 -6.14 32.73
C GLY C 47 -10.68 -6.30 32.60
N ASN C 48 -10.27 -7.39 31.96
CA ASN C 48 -8.87 -7.67 31.77
C ASN C 48 -8.31 -6.99 30.54
N LEU C 49 -9.17 -6.69 29.57
CA LEU C 49 -8.76 -6.05 28.32
C LEU C 49 -9.32 -4.63 28.21
N MET C 50 -8.44 -3.63 28.36
CA MET C 50 -8.84 -2.22 28.29
C MET C 50 -9.73 -1.88 27.10
N PHE C 51 -9.28 -2.24 25.91
CA PHE C 51 -10.03 -1.98 24.71
C PHE C 51 -10.71 -3.25 24.21
N ASP C 52 -10.96 -4.18 25.12
CA ASP C 52 -11.61 -5.47 24.81
C ASP C 52 -10.96 -6.25 23.67
N GLN C 53 -9.64 -6.19 23.61
CA GLN C 53 -8.91 -6.86 22.59
C GLN C 53 -7.61 -7.44 23.11
N VAL C 54 -7.09 -8.43 22.39
CA VAL C 54 -5.83 -9.03 22.73
C VAL C 54 -4.93 -8.63 21.56
N PRO C 55 -3.59 -8.73 21.65
CA PRO C 55 -2.74 -9.21 22.72
C PRO C 55 -2.91 -8.50 24.06
N MET C 56 -2.73 -9.25 25.14
CA MET C 56 -2.80 -8.72 26.45
C MET C 56 -1.81 -9.55 27.25
N VAL C 57 -0.91 -8.87 27.95
CA VAL C 57 0.11 -9.51 28.73
C VAL C 57 0.10 -9.04 30.18
N GLU C 58 0.07 -10.00 31.10
CA GLU C 58 0.07 -9.71 32.51
C GLU C 58 1.54 -9.66 32.90
N ILE C 59 2.03 -8.49 33.27
CA ILE C 59 3.43 -8.36 33.63
C ILE C 59 3.62 -7.20 34.60
N ASP C 60 4.44 -7.43 35.62
CA ASP C 60 4.73 -6.42 36.63
C ASP C 60 3.45 -5.77 37.15
N GLY C 61 2.48 -6.60 37.51
CA GLY C 61 1.21 -6.12 38.03
C GLY C 61 0.28 -5.47 37.01
N MET C 62 0.75 -5.31 35.79
CA MET C 62 -0.03 -4.70 34.78
C MET C 62 -0.71 -5.68 33.85
N LYS C 63 -1.82 -5.23 33.27
CA LYS C 63 -2.58 -6.00 32.30
C LYS C 63 -2.43 -5.15 31.03
N LEU C 64 -1.20 -5.09 30.52
CA LEU C 64 -0.88 -4.29 29.34
C LEU C 64 -1.42 -4.79 28.02
N ALA C 65 -2.19 -3.93 27.35
CA ALA C 65 -2.76 -4.27 26.07
C ALA C 65 -1.98 -3.49 25.00
N GLN C 66 -2.34 -3.68 23.72
CA GLN C 66 -1.68 -3.00 22.58
C GLN C 66 -0.27 -3.50 22.31
N THR C 67 -0.13 -4.23 21.20
CA THR C 67 1.15 -4.83 20.78
C THR C 67 2.39 -3.97 20.98
N ARG C 68 2.36 -2.75 20.48
CA ARG C 68 3.49 -1.86 20.59
C ARG C 68 3.81 -1.52 22.03
N ALA C 69 2.78 -1.28 22.84
CA ALA C 69 2.98 -0.95 24.24
C ALA C 69 3.72 -2.09 24.92
N ILE C 70 3.31 -3.31 24.59
CA ILE C 70 3.91 -4.49 25.16
C ILE C 70 5.37 -4.56 24.74
N LEU C 71 5.61 -4.51 23.44
CA LEU C 71 6.95 -4.57 22.89
C LEU C 71 7.89 -3.56 23.52
N ASN C 72 7.47 -2.30 23.51
CA ASN C 72 8.26 -1.20 24.08
C ASN C 72 8.65 -1.46 25.53
N TYR C 73 7.70 -1.99 26.30
CA TYR C 73 7.93 -2.29 27.70
C TYR C 73 8.99 -3.39 27.89
N ILE C 74 8.81 -4.51 27.21
CA ILE C 74 9.77 -5.63 27.31
C ILE C 74 11.14 -5.19 26.82
N ALA C 75 11.17 -4.39 25.76
CA ALA C 75 12.42 -3.90 25.21
C ALA C 75 13.19 -3.09 26.23
N THR C 76 12.53 -2.10 26.81
CA THR C 76 13.14 -1.29 27.79
C THR C 76 13.61 -2.13 28.96
N LYS C 77 12.68 -2.93 29.49
CA LYS C 77 12.97 -3.78 30.67
C LYS C 77 14.13 -4.75 30.49
N TYR C 78 14.37 -5.22 29.28
CA TYR C 78 15.43 -6.14 29.06
C TYR C 78 16.61 -5.55 28.33
N ASP C 79 16.76 -4.24 28.39
CA ASP C 79 17.87 -3.55 27.75
C ASP C 79 18.01 -3.87 26.26
N LEU C 80 16.88 -3.98 25.57
CA LEU C 80 16.89 -4.26 24.17
C LEU C 80 16.36 -3.07 23.41
N TYR C 81 16.30 -1.93 24.09
CA TYR C 81 15.81 -0.72 23.47
C TYR C 81 16.88 0.35 23.22
N GLY C 82 18.07 -0.07 22.82
CA GLY C 82 19.11 0.89 22.53
C GLY C 82 19.70 1.59 23.75
N LYS C 83 20.57 2.57 23.49
CA LYS C 83 21.27 3.32 24.55
C LYS C 83 20.78 4.73 24.82
N ASP C 84 20.09 5.36 23.86
CA ASP C 84 19.61 6.73 24.03
C ASP C 84 18.47 7.07 23.07
N MET C 85 17.87 8.25 23.24
CA MET C 85 16.76 8.69 22.40
C MET C 85 17.03 8.61 20.90
N LYS C 86 18.20 9.02 20.46
CA LYS C 86 18.54 8.98 19.04
C LYS C 86 18.53 7.53 18.50
N GLU C 87 19.19 6.62 19.21
CA GLU C 87 19.22 5.23 18.80
C GLU C 87 17.81 4.65 18.78
N ARG C 88 16.99 5.07 19.74
CA ARG C 88 15.62 4.62 19.83
C ARG C 88 14.82 5.10 18.63
N ALA C 89 15.08 6.32 18.16
CA ALA C 89 14.38 6.85 17.01
C ALA C 89 14.61 5.92 15.81
N LEU C 90 15.85 5.47 15.64
CA LEU C 90 16.18 4.58 14.53
C LEU C 90 15.45 3.26 14.72
N ILE C 91 15.59 2.69 15.91
CA ILE C 91 14.97 1.46 16.26
C ILE C 91 13.46 1.53 15.98
N ASP C 92 12.87 2.66 16.34
CA ASP C 92 11.45 2.86 16.14
C ASP C 92 11.14 2.95 14.65
N MET C 93 11.89 3.77 13.94
CA MET C 93 11.67 3.94 12.51
C MET C 93 11.76 2.62 11.79
N TYR C 94 12.78 1.83 12.14
CA TYR C 94 12.99 0.55 11.52
C TYR C 94 11.88 -0.42 11.90
N SER C 95 11.58 -0.48 13.20
CA SER C 95 10.55 -1.37 13.71
C SER C 95 9.24 -1.18 12.96
N GLU C 96 8.81 0.08 12.87
CA GLU C 96 7.58 0.40 12.21
C GLU C 96 7.60 -0.10 10.77
N GLY C 97 8.70 0.12 10.08
CA GLY C 97 8.82 -0.33 8.70
C GLY C 97 8.61 -1.83 8.67
N ILE C 98 9.26 -2.52 9.60
CA ILE C 98 9.12 -3.98 9.70
C ILE C 98 7.65 -4.36 9.91
N LEU C 99 6.97 -3.64 10.80
CA LEU C 99 5.60 -3.93 11.06
C LEU C 99 4.71 -3.75 9.84
N ASP C 100 4.97 -2.69 9.08
CA ASP C 100 4.16 -2.41 7.90
C ASP C 100 4.18 -3.51 6.86
N LEU C 101 5.36 -4.00 6.52
CA LEU C 101 5.48 -5.06 5.54
C LEU C 101 4.90 -6.35 6.09
N THR C 102 5.16 -6.62 7.38
CA THR C 102 4.66 -7.79 8.00
C THR C 102 3.16 -7.83 7.80
N GLU C 103 2.49 -6.72 8.11
CA GLU C 103 1.05 -6.65 7.97
C GLU C 103 0.61 -6.96 6.54
N MET C 104 1.30 -6.36 5.56
CA MET C 104 0.97 -6.59 4.18
C MET C 104 1.01 -8.07 3.86
N ILE C 105 2.10 -8.72 4.26
CA ILE C 105 2.27 -10.11 4.03
C ILE C 105 1.12 -10.90 4.64
N MET C 106 0.65 -10.45 5.80
CA MET C 106 -0.46 -11.11 6.49
C MET C 106 -1.77 -10.94 5.72
N GLN C 107 -2.07 -9.73 5.29
CA GLN C 107 -3.30 -9.45 4.56
C GLN C 107 -3.56 -10.47 3.47
N LEU C 108 -2.50 -10.92 2.83
CA LEU C 108 -2.61 -11.89 1.78
C LEU C 108 -3.30 -13.14 2.28
N VAL C 109 -2.80 -13.68 3.37
CA VAL C 109 -3.34 -14.88 3.93
C VAL C 109 -4.77 -14.71 4.49
N ILE C 110 -5.31 -13.50 4.39
CA ILE C 110 -6.65 -13.21 4.92
C ILE C 110 -7.49 -12.39 3.93
N CYS C 111 -7.00 -12.21 2.71
CA CYS C 111 -7.73 -11.40 1.74
C CYS C 111 -8.51 -12.22 0.71
N PRO C 112 -9.53 -11.60 0.07
CA PRO C 112 -10.39 -12.23 -0.97
C PRO C 112 -9.59 -12.84 -2.14
N PRO C 113 -9.86 -14.10 -2.50
CA PRO C 113 -9.17 -14.84 -3.61
C PRO C 113 -9.18 -14.13 -4.95
N ASP C 114 -10.22 -13.35 -5.20
CA ASP C 114 -10.37 -12.60 -6.44
C ASP C 114 -9.21 -11.65 -6.75
N GLN C 115 -8.70 -10.96 -5.73
CA GLN C 115 -7.59 -10.03 -5.94
C GLN C 115 -6.32 -10.33 -5.14
N LYS C 116 -6.30 -11.49 -4.47
CA LYS C 116 -5.13 -11.91 -3.69
C LYS C 116 -3.88 -11.87 -4.57
N GLU C 117 -4.06 -12.26 -5.84
CA GLU C 117 -2.96 -12.27 -6.79
C GLU C 117 -2.35 -10.89 -7.05
N ALA C 118 -3.20 -9.91 -7.33
CA ALA C 118 -2.71 -8.59 -7.60
C ALA C 118 -2.04 -8.04 -6.36
N LYS C 119 -2.61 -8.34 -5.19
CA LYS C 119 -2.07 -7.89 -3.93
C LYS C 119 -0.72 -8.56 -3.63
N THR C 120 -0.61 -9.86 -3.93
CA THR C 120 0.64 -10.60 -3.71
C THR C 120 1.74 -9.93 -4.52
N ALA C 121 1.39 -9.55 -5.75
CA ALA C 121 2.30 -8.87 -6.64
C ALA C 121 2.82 -7.59 -5.97
N LEU C 122 1.90 -6.82 -5.40
CA LEU C 122 2.27 -5.60 -4.73
C LEU C 122 3.18 -5.90 -3.55
N ALA C 123 2.80 -6.91 -2.77
CA ALA C 123 3.56 -7.33 -1.60
C ALA C 123 4.99 -7.68 -1.99
N LYS C 124 5.14 -8.43 -3.07
CA LYS C 124 6.45 -8.80 -3.51
C LYS C 124 7.25 -7.58 -3.98
N ASP C 125 6.63 -6.72 -4.79
CA ASP C 125 7.29 -5.51 -5.31
C ASP C 125 7.80 -4.69 -4.14
N ARG C 126 6.93 -4.47 -3.19
CA ARG C 126 7.22 -3.73 -2.01
C ARG C 126 8.40 -4.35 -1.24
N THR C 127 8.34 -5.66 -1.05
CA THR C 127 9.36 -6.36 -0.34
C THR C 127 10.78 -6.17 -0.90
N LYS C 128 10.98 -6.43 -2.19
CA LYS C 128 12.31 -6.32 -2.78
C LYS C 128 12.73 -4.96 -3.33
N ASN C 129 11.77 -4.05 -3.54
CA ASN C 129 12.10 -2.72 -4.08
C ASN C 129 12.10 -1.61 -3.05
N ARG C 130 11.45 -1.83 -1.92
CA ARG C 130 11.37 -0.84 -0.87
C ARG C 130 12.01 -1.29 0.44
N TYR C 131 11.34 -2.19 1.14
CA TYR C 131 11.80 -2.66 2.44
C TYR C 131 13.19 -3.31 2.50
N LEU C 132 13.37 -4.45 1.84
CA LEU C 132 14.67 -5.12 1.88
C LEU C 132 15.81 -4.20 1.47
N PRO C 133 15.67 -3.38 0.41
CA PRO C 133 16.74 -2.51 0.03
C PRO C 133 17.03 -1.56 1.19
N ALA C 134 15.95 -1.09 1.83
CA ALA C 134 16.07 -0.20 2.95
C ALA C 134 16.94 -0.79 4.06
N PHE C 135 16.68 -2.03 4.44
CA PHE C 135 17.46 -2.65 5.50
C PHE C 135 18.85 -3.03 5.04
N GLU C 136 18.99 -3.38 3.76
CA GLU C 136 20.27 -3.73 3.23
C GLU C 136 21.16 -2.50 3.32
N LYS C 137 20.61 -1.35 2.91
CA LYS C 137 21.33 -0.09 2.93
C LYS C 137 21.80 0.28 4.34
N VAL C 138 20.96 0.02 5.34
CA VAL C 138 21.32 0.31 6.72
C VAL C 138 22.57 -0.50 7.10
N LEU C 139 22.56 -1.78 6.75
CA LEU C 139 23.69 -2.66 7.06
C LEU C 139 24.98 -2.23 6.37
N LYS C 140 24.88 -1.86 5.10
CA LYS C 140 26.03 -1.44 4.34
C LYS C 140 26.57 -0.09 4.81
N SER C 141 25.72 0.74 5.40
CA SER C 141 26.13 2.04 5.88
C SER C 141 27.23 1.97 6.95
N HIS C 142 27.13 0.99 7.84
CA HIS C 142 28.10 0.86 8.92
C HIS C 142 28.90 -0.44 8.98
N GLY C 143 28.50 -1.43 8.18
CA GLY C 143 29.21 -2.69 8.17
C GLY C 143 29.24 -3.47 9.47
N GLN C 144 28.50 -3.00 10.47
CA GLN C 144 28.44 -3.68 11.75
C GLN C 144 27.51 -4.89 11.71
N ASP C 145 27.61 -5.73 12.75
CA ASP C 145 26.82 -6.93 12.84
C ASP C 145 25.36 -6.71 13.22
N TYR C 146 25.07 -5.60 13.89
CA TYR C 146 23.73 -5.33 14.30
C TYR C 146 23.17 -4.13 13.57
N LEU C 147 21.85 -3.97 13.63
CA LEU C 147 21.18 -2.89 12.98
C LEU C 147 21.49 -1.54 13.60
N VAL C 148 21.48 -1.47 14.91
CA VAL C 148 21.73 -0.22 15.61
C VAL C 148 22.64 -0.38 16.81
N GLY C 149 23.50 0.62 17.02
CA GLY C 149 24.41 0.64 18.13
C GLY C 149 25.40 -0.51 18.24
N ASN C 150 25.56 -1.29 17.18
CA ASN C 150 26.47 -2.42 17.18
C ASN C 150 26.21 -3.32 18.39
N LYS C 151 24.95 -3.38 18.79
CA LYS C 151 24.54 -4.18 19.89
C LYS C 151 23.19 -4.77 19.52
N LEU C 152 22.87 -5.93 20.06
CA LEU C 152 21.62 -6.55 19.78
C LEU C 152 20.51 -5.72 20.44
N THR C 153 19.50 -5.40 19.65
CA THR C 153 18.37 -4.67 20.14
C THR C 153 17.15 -5.37 19.57
N ARG C 154 15.98 -4.91 20.00
CA ARG C 154 14.75 -5.45 19.57
C ARG C 154 14.61 -5.51 18.05
N VAL C 155 15.14 -4.52 17.35
CA VAL C 155 15.02 -4.51 15.87
C VAL C 155 15.72 -5.67 15.17
N ASP C 156 16.84 -6.11 15.72
CA ASP C 156 17.56 -7.22 15.15
C ASP C 156 16.64 -8.44 15.13
N ILE C 157 15.92 -8.62 16.23
CA ILE C 157 15.01 -9.71 16.36
C ILE C 157 13.81 -9.49 15.43
N HIS C 158 13.24 -8.30 15.49
CA HIS C 158 12.08 -7.98 14.67
C HIS C 158 12.35 -8.21 13.19
N LEU C 159 13.50 -7.76 12.73
CA LEU C 159 13.84 -7.93 11.35
C LEU C 159 13.94 -9.40 11.00
N LEU C 160 14.63 -10.17 11.83
CA LEU C 160 14.79 -11.60 11.59
C LEU C 160 13.43 -12.25 11.37
N GLU C 161 12.49 -11.98 12.26
CA GLU C 161 11.17 -12.54 12.18
C GLU C 161 10.57 -12.23 10.81
N LEU C 162 10.69 -10.97 10.40
CA LEU C 162 10.19 -10.55 9.13
C LEU C 162 10.88 -11.35 8.03
N LEU C 163 12.18 -11.55 8.16
CA LEU C 163 12.94 -12.29 7.17
C LEU C 163 12.46 -13.73 7.07
N LEU C 164 12.19 -14.34 8.21
CA LEU C 164 11.71 -15.68 8.23
C LEU C 164 10.35 -15.69 7.53
N TYR C 165 9.57 -14.65 7.76
CA TYR C 165 8.27 -14.53 7.15
C TYR C 165 8.41 -14.44 5.63
N VAL C 166 9.39 -13.67 5.17
CA VAL C 166 9.61 -13.52 3.76
C VAL C 166 10.08 -14.84 3.18
N GLU C 167 10.92 -15.56 3.92
CA GLU C 167 11.41 -16.83 3.46
C GLU C 167 10.23 -17.76 3.22
N GLU C 168 9.24 -17.70 4.10
CA GLU C 168 8.04 -18.55 3.99
C GLU C 168 7.14 -18.10 2.85
N PHE C 169 7.05 -16.79 2.65
CA PHE C 169 6.21 -16.22 1.58
C PHE C 169 6.80 -16.57 0.22
N ASP C 170 8.11 -16.37 0.10
CA ASP C 170 8.82 -16.62 -1.11
C ASP C 170 10.29 -16.35 -0.83
N ALA C 171 11.03 -17.40 -0.50
CA ALA C 171 12.44 -17.29 -0.19
C ALA C 171 13.28 -16.65 -1.30
N SER C 172 12.81 -16.76 -2.54
CA SER C 172 13.55 -16.18 -3.66
C SER C 172 13.68 -14.67 -3.52
N LEU C 173 12.83 -14.05 -2.71
CA LEU C 173 12.85 -12.61 -2.51
C LEU C 173 14.11 -12.13 -1.78
N LEU C 174 14.72 -13.03 -1.01
CA LEU C 174 15.96 -12.69 -0.23
C LEU C 174 17.25 -12.65 -1.05
N THR C 175 17.32 -13.49 -2.08
CA THR C 175 18.49 -13.62 -2.96
C THR C 175 19.41 -12.42 -3.19
N SER C 176 18.85 -11.28 -3.59
CA SER C 176 19.65 -10.11 -3.86
C SER C 176 20.08 -9.31 -2.62
N PHE C 177 19.99 -9.90 -1.42
CA PHE C 177 20.36 -9.19 -0.21
C PHE C 177 21.43 -9.91 0.62
N PRO C 178 22.68 -9.83 0.14
CA PRO C 178 23.86 -10.44 0.73
C PRO C 178 23.96 -10.22 2.23
N LEU C 179 23.95 -8.96 2.62
CA LEU C 179 24.08 -8.59 4.00
C LEU C 179 22.90 -9.11 4.83
N LEU C 180 21.69 -8.96 4.30
CA LEU C 180 20.53 -9.40 5.01
C LEU C 180 20.59 -10.90 5.22
N LYS C 181 21.14 -11.62 4.23
CA LYS C 181 21.27 -13.08 4.35
C LYS C 181 22.26 -13.40 5.48
N ALA C 182 23.38 -12.71 5.49
CA ALA C 182 24.39 -12.91 6.50
C ALA C 182 23.77 -12.57 7.85
N PHE C 183 23.08 -11.44 7.91
CA PHE C 183 22.42 -10.99 9.12
C PHE C 183 21.49 -12.07 9.65
N LYS C 184 20.70 -12.66 8.76
CA LYS C 184 19.76 -13.68 9.14
C LYS C 184 20.44 -14.84 9.85
N SER C 185 21.53 -15.34 9.29
CA SER C 185 22.24 -16.45 9.89
C SER C 185 22.78 -16.07 11.27
N ARG C 186 23.26 -14.85 11.41
CA ARG C 186 23.81 -14.40 12.66
C ARG C 186 22.79 -14.40 13.80
N ILE C 187 21.66 -13.72 13.61
CA ILE C 187 20.62 -13.64 14.66
C ILE C 187 20.02 -15.02 14.92
N SER C 188 19.82 -15.80 13.87
CA SER C 188 19.26 -17.14 13.99
C SER C 188 20.11 -18.03 14.89
N SER C 189 21.43 -17.83 14.85
CA SER C 189 22.36 -18.62 15.64
C SER C 189 22.49 -18.19 17.11
N LEU C 190 21.80 -17.13 17.51
CA LEU C 190 21.84 -16.71 18.89
C LEU C 190 21.18 -17.86 19.64
N PRO C 191 21.85 -18.46 20.64
CA PRO C 191 21.33 -19.58 21.42
C PRO C 191 19.83 -19.56 21.69
N ASN C 192 19.37 -18.46 22.30
CA ASN C 192 17.96 -18.30 22.67
C ASN C 192 17.05 -18.28 21.44
N VAL C 193 17.53 -17.64 20.37
CA VAL C 193 16.78 -17.55 19.14
C VAL C 193 16.71 -18.94 18.51
N LYS C 194 17.86 -19.61 18.46
CA LYS C 194 17.96 -20.94 17.90
C LYS C 194 16.92 -21.85 18.58
N LYS C 195 16.84 -21.76 19.90
CA LYS C 195 15.89 -22.57 20.65
C LYS C 195 14.44 -22.28 20.29
N PHE C 196 14.09 -21.00 20.26
CA PHE C 196 12.75 -20.60 19.94
C PHE C 196 12.33 -21.13 18.57
N LEU C 197 13.29 -21.26 17.68
CA LEU C 197 13.04 -21.74 16.33
C LEU C 197 12.96 -23.26 16.26
N GLN C 198 13.42 -23.94 17.30
CA GLN C 198 13.42 -25.40 17.32
C GLN C 198 12.11 -26.00 17.85
N PRO C 199 11.82 -27.28 17.59
CA PRO C 199 10.60 -28.03 18.02
C PRO C 199 10.24 -27.94 19.50
N GLY C 200 8.93 -27.97 19.77
CA GLY C 200 8.44 -27.95 21.14
C GLY C 200 8.48 -26.60 21.83
N SER C 201 8.96 -25.57 21.13
CA SER C 201 9.04 -24.23 21.70
C SER C 201 7.64 -23.62 21.62
N GLN C 202 7.51 -22.39 22.10
CA GLN C 202 6.25 -21.69 22.08
C GLN C 202 6.01 -20.97 20.77
N ARG C 203 6.92 -21.14 19.82
CA ARG C 203 6.78 -20.51 18.53
C ARG C 203 5.54 -21.11 17.85
N LYS C 204 4.72 -20.25 17.26
CA LYS C 204 3.48 -20.67 16.59
C LYS C 204 3.61 -20.96 15.10
N LEU C 205 2.69 -21.79 14.61
CA LEU C 205 2.64 -22.20 13.21
C LEU C 205 2.26 -21.10 12.22
N PRO C 206 2.71 -21.24 10.96
CA PRO C 206 2.43 -20.29 9.89
C PRO C 206 0.97 -20.42 9.46
N MET C 207 0.34 -19.27 9.26
CA MET C 207 -1.05 -19.18 8.87
C MET C 207 -1.61 -20.06 7.76
N ASP C 208 -1.51 -19.60 6.51
CA ASP C 208 -2.05 -20.30 5.31
C ASP C 208 -3.53 -19.96 5.15
N ALA C 209 -3.88 -19.43 3.97
CA ALA C 209 -5.25 -19.00 3.64
C ALA C 209 -6.35 -19.92 4.14
N LYS C 210 -6.54 -21.05 3.45
CA LYS C 210 -7.55 -22.00 3.81
C LYS C 210 -7.43 -22.45 5.26
N GLN C 211 -6.19 -22.56 5.73
CA GLN C 211 -5.95 -22.98 7.08
C GLN C 211 -6.45 -21.93 8.07
N ILE C 212 -6.46 -20.67 7.67
CA ILE C 212 -6.96 -19.60 8.53
C ILE C 212 -8.46 -19.78 8.62
N GLU C 213 -9.11 -20.04 7.49
CA GLU C 213 -10.54 -20.25 7.44
C GLU C 213 -10.87 -21.34 8.46
N GLU C 214 -10.13 -22.44 8.35
CA GLU C 214 -10.30 -23.55 9.24
C GLU C 214 -10.08 -23.11 10.68
N ALA C 215 -8.91 -22.54 10.94
CA ALA C 215 -8.56 -22.06 12.26
C ALA C 215 -9.61 -21.16 12.89
N ARG C 216 -10.15 -20.23 12.11
CA ARG C 216 -11.15 -19.31 12.61
C ARG C 216 -12.44 -20.05 12.94
N LYS C 217 -12.82 -21.00 12.10
CA LYS C 217 -14.03 -21.77 12.34
C LYS C 217 -13.82 -22.81 13.43
N ILE C 218 -12.57 -23.20 13.63
CA ILE C 218 -12.24 -24.14 14.67
C ILE C 218 -12.39 -23.43 16.02
N TYR C 219 -11.97 -22.16 16.04
CA TYR C 219 -12.04 -21.35 17.22
C TYR C 219 -13.45 -21.12 17.77
N LYS C 220 -14.42 -21.02 16.87
CA LYS C 220 -15.83 -20.78 17.24
C LYS C 220 -16.49 -21.96 17.95
N PHE C 221 -16.21 -23.16 17.43
CA PHE C 221 -16.75 -24.39 17.95
C PHE C 221 -16.01 -24.83 19.23
#